data_6D3G
#
_entry.id   6D3G
#
_cell.length_a   84.160
_cell.length_b   85.840
_cell.length_c   161.130
_cell.angle_alpha   90.00
_cell.angle_beta   90.00
_cell.angle_gamma   90.00
#
_symmetry.space_group_name_H-M   'P 21 21 21'
#
loop_
_entity.id
_entity.type
_entity.pdbx_description
1 polymer Beta-lactamase
2 non-polymer (2S,5R)-1-formyl-5-[(sulfooxy)amino]piperidine-2-carboxamide
3 non-polymer 'TETRAETHYLENE GLYCOL'
4 water water
#
_entity_poly.entity_id   1
_entity_poly.type   'polypeptide(L)'
_entity_poly.pdbx_seq_one_letter_code
;SAQSPLLKEQIETIVTGKKATVGVAVWGPDDLEPLLLNPFEKFPMQSVFKLHLAMLVLHQVDQGKLDLNQSVTVNRAAVL
QNTWSPMMKDHQGDEFTVAVQQLLQYSVSHSDNVACDLLFELVGGPQALHAYIQSLGVKEAAVVANEAQMHADDQVQYQN
WTSMKAAAQVLQKFEQKKQLSETSQALLWKWMVETTTGPQRLKGLLPAGTIVAHKTGTSGVRAGKTAATNDAGVIMLPDG
RPLLVAVFVKDSAESERTNEAIIAQVAQAAYQFELKKLSAVSPD
;
_entity_poly.pdbx_strand_id   A,B,C,D
#
# COMPACT_ATOMS: atom_id res chain seq x y z
N SER A 1 0.85 -6.87 22.48
CA SER A 1 0.86 -5.54 23.11
C SER A 1 2.08 -4.73 22.65
N ALA A 2 1.84 -3.76 21.77
CA ALA A 2 2.90 -2.94 21.18
C ALA A 2 3.34 -1.87 22.17
N GLN A 3 4.15 -0.90 21.70
CA GLN A 3 4.34 0.40 22.33
C GLN A 3 3.10 0.82 23.15
N SER A 4 3.23 1.00 24.48
CA SER A 4 1.99 1.35 25.15
C SER A 4 2.30 2.48 26.14
N PRO A 5 1.36 2.91 27.07
CA PRO A 5 1.45 4.30 27.53
C PRO A 5 2.56 4.56 28.53
N LEU A 6 2.88 3.60 29.35
CA LEU A 6 3.96 3.90 30.25
C LEU A 6 5.33 3.71 29.59
N LEU A 7 5.41 2.98 28.49
CA LEU A 7 6.71 2.99 27.80
C LEU A 7 6.98 4.38 27.22
N LYS A 8 5.98 4.99 26.57
CA LYS A 8 6.23 6.29 25.92
C LYS A 8 6.46 7.38 26.94
N GLU A 9 5.93 7.17 28.15
CA GLU A 9 6.07 8.08 29.26
C GLU A 9 7.41 7.92 30.01
N GLN A 10 7.93 6.71 30.14
CA GLN A 10 9.28 6.51 30.65
C GLN A 10 10.26 7.21 29.74
N ILE A 11 10.05 7.13 28.42
CA ILE A 11 10.96 7.77 27.48
C ILE A 11 10.86 9.27 27.60
N GLU A 12 9.67 9.71 27.94
CA GLU A 12 9.34 11.10 28.17
C GLU A 12 10.13 11.66 29.34
N THR A 13 10.16 10.94 30.47
CA THR A 13 10.95 11.48 31.57
C THR A 13 12.45 11.35 31.36
N ILE A 14 12.90 10.43 30.51
CA ILE A 14 14.34 10.27 30.30
C ILE A 14 14.92 11.42 29.47
N VAL A 15 14.15 12.00 28.54
CA VAL A 15 14.76 13.04 27.70
C VAL A 15 14.34 14.46 28.08
N THR A 16 13.18 14.65 28.72
CA THR A 16 12.66 16.01 28.93
C THR A 16 13.64 16.82 29.76
N GLY A 17 13.93 18.04 29.29
CA GLY A 17 14.89 18.91 29.94
C GLY A 17 16.35 18.60 29.68
N LYS A 18 16.67 17.57 28.90
CA LYS A 18 18.06 17.30 28.58
C LYS A 18 18.51 18.16 27.41
N LYS A 19 19.70 18.74 27.55
CA LYS A 19 20.18 19.68 26.53
C LYS A 19 20.76 18.89 25.35
N ALA A 20 19.85 18.20 24.66
CA ALA A 20 20.21 17.36 23.51
C ALA A 20 18.92 17.08 22.76
N THR A 21 19.06 16.60 21.53
CA THR A 21 17.95 16.11 20.73
C THR A 21 18.11 14.59 20.64
N VAL A 22 17.18 13.85 21.25
CA VAL A 22 17.35 12.41 21.40
C VAL A 22 16.45 11.67 20.39
N GLY A 23 17.07 10.92 19.48
CA GLY A 23 16.31 10.04 18.57
C GLY A 23 16.15 8.67 19.19
N VAL A 24 14.98 8.09 19.04
CA VAL A 24 14.68 6.80 19.66
C VAL A 24 13.93 5.93 18.67
N ALA A 25 14.33 4.67 18.54
CA ALA A 25 13.55 3.67 17.84
C ALA A 25 13.48 2.41 18.70
N VAL A 26 12.27 1.97 19.01
CA VAL A 26 12.03 0.78 19.80
C VAL A 26 11.06 -0.09 19.02
N TRP A 27 11.48 -1.30 18.67
CA TRP A 27 10.67 -2.23 17.90
C TRP A 27 10.70 -3.58 18.61
N GLY A 28 9.73 -3.82 19.48
CA GLY A 28 9.65 -5.09 20.15
C GLY A 28 9.07 -6.16 19.24
N PRO A 29 9.28 -7.43 19.58
CA PRO A 29 8.93 -8.52 18.64
C PRO A 29 7.45 -8.71 18.41
N ASP A 30 6.57 -8.00 19.14
CA ASP A 30 5.13 -8.06 18.92
C ASP A 30 4.58 -6.77 18.31
N ASP A 31 5.44 -5.82 17.95
CA ASP A 31 4.99 -4.53 17.44
C ASP A 31 4.85 -4.58 15.93
N LEU A 32 3.73 -4.05 15.41
CA LEU A 32 3.65 -3.85 13.96
C LEU A 32 4.51 -2.69 13.51
N GLU A 33 4.67 -1.69 14.36
CA GLU A 33 5.42 -0.49 14.04
C GLU A 33 6.37 -0.11 15.17
N PRO A 34 7.51 0.49 14.83
CA PRO A 34 8.41 0.96 15.87
C PRO A 34 7.81 2.16 16.61
N LEU A 35 8.06 2.21 17.91
CA LEU A 35 7.93 3.45 18.65
C LEU A 35 9.10 4.37 18.31
N LEU A 36 8.80 5.60 17.90
CA LEU A 36 9.80 6.56 17.47
C LEU A 36 9.68 7.83 18.29
N LEU A 37 10.83 8.46 18.54
CA LEU A 37 10.89 9.75 19.21
C LEU A 37 11.80 10.62 18.38
N ASN A 38 11.43 11.88 18.21
CA ASN A 38 12.07 12.77 17.25
C ASN A 38 12.18 12.09 15.86
N PRO A 39 11.05 11.63 15.32
CA PRO A 39 11.10 10.94 14.01
C PRO A 39 11.44 11.86 12.82
N PHE A 40 11.40 13.18 12.99
CA PHE A 40 11.63 14.09 11.88
C PHE A 40 13.00 14.73 11.88
N GLU A 41 13.87 14.34 12.80
CA GLU A 41 15.21 14.88 12.87
C GLU A 41 16.15 14.06 12.00
N LYS A 42 17.21 14.70 11.53
CA LYS A 42 18.27 14.02 10.79
C LYS A 42 19.43 13.81 11.76
N PHE A 43 19.68 12.56 12.13
CA PHE A 43 20.68 12.29 13.14
C PHE A 43 21.98 11.89 12.48
N PRO A 44 23.09 12.57 12.77
CA PRO A 44 24.39 12.15 12.23
C PRO A 44 24.78 10.78 12.76
N MET A 45 25.22 9.91 11.84
CA MET A 45 25.42 8.50 12.18
C MET A 45 26.78 8.21 12.79
N GLN A 46 27.82 8.93 12.37
CA GLN A 46 29.20 8.60 12.71
C GLN A 46 29.40 7.10 12.49
N SER A 47 30.06 6.45 13.45
CA SER A 47 30.46 5.05 13.27
C SER A 47 29.29 4.10 13.06
N VAL A 48 28.04 4.52 13.30
CA VAL A 48 26.94 3.56 13.15
C VAL A 48 26.84 3.07 11.71
N PHE A 49 27.22 3.90 10.74
CA PHE A 49 27.05 3.49 9.36
C PHE A 49 28.06 2.42 8.94
N LYS A 50 28.99 2.04 9.81
CA LYS A 50 29.80 0.86 9.52
C LYS A 50 28.96 -0.42 9.51
N LEU A 51 27.78 -0.43 10.15
CA LEU A 51 26.84 -1.54 9.99
C LEU A 51 26.30 -1.59 8.56
N HIS A 52 25.76 -0.48 8.08
CA HIS A 52 25.31 -0.36 6.70
C HIS A 52 26.42 -0.76 5.73
N LEU A 53 27.63 -0.25 5.96
CA LEU A 53 28.77 -0.56 5.09
C LEU A 53 29.05 -2.04 5.06
N ALA A 54 29.10 -2.68 6.23
CA ALA A 54 29.35 -4.11 6.32
C ALA A 54 28.29 -4.90 5.59
N MET A 55 27.03 -4.50 5.71
CA MET A 55 25.97 -5.21 4.98
C MET A 55 26.21 -5.13 3.47
N LEU A 56 26.70 -3.99 2.99
CA LEU A 56 26.98 -3.86 1.57
C LEU A 56 28.22 -4.65 1.18
N VAL A 57 29.25 -4.65 2.04
CA VAL A 57 30.44 -5.43 1.72
C VAL A 57 30.09 -6.91 1.69
N LEU A 58 29.29 -7.36 2.66
CA LEU A 58 28.94 -8.77 2.68
C LEU A 58 27.93 -9.12 1.59
N HIS A 59 27.17 -8.16 1.08
CA HIS A 59 26.27 -8.48 -0.03
C HIS A 59 27.07 -8.58 -1.31
N GLN A 60 28.13 -7.77 -1.46
CA GLN A 60 29.00 -7.95 -2.61
C GLN A 60 29.83 -9.23 -2.49
N VAL A 61 30.18 -9.64 -1.27
CA VAL A 61 30.76 -10.96 -1.06
C VAL A 61 29.79 -12.05 -1.50
N ASP A 62 28.52 -11.95 -1.05
CA ASP A 62 27.48 -12.91 -1.44
C ASP A 62 27.26 -12.91 -2.96
N GLN A 63 27.55 -11.80 -3.63
CA GLN A 63 27.40 -11.80 -5.08
C GLN A 63 28.69 -12.14 -5.81
N GLY A 64 29.79 -12.37 -5.09
CA GLY A 64 31.04 -12.79 -5.68
C GLY A 64 31.97 -11.68 -6.10
N LYS A 65 31.56 -10.41 -6.01
CA LYS A 65 32.44 -9.32 -6.44
C LYS A 65 33.67 -9.24 -5.53
N LEU A 66 33.53 -9.69 -4.30
CA LEU A 66 34.63 -9.71 -3.37
C LEU A 66 34.68 -11.06 -2.72
N ASP A 67 35.73 -11.30 -1.95
CA ASP A 67 35.87 -12.54 -1.21
C ASP A 67 36.36 -12.24 0.20
N LEU A 68 35.89 -13.03 1.18
CA LEU A 68 36.33 -12.79 2.55
C LEU A 68 37.82 -13.06 2.75
N ASN A 69 38.43 -13.96 1.97
CA ASN A 69 39.85 -14.17 2.18
C ASN A 69 40.66 -13.39 1.17
N GLN A 70 40.00 -12.49 0.46
CA GLN A 70 40.66 -11.64 -0.52
C GLN A 70 41.50 -10.62 0.20
N SER A 71 42.71 -10.44 -0.30
CA SER A 71 43.69 -9.61 0.36
C SER A 71 43.56 -8.19 -0.13
N VAL A 72 43.90 -7.26 0.77
CA VAL A 72 43.83 -5.82 0.55
C VAL A 72 45.11 -5.20 1.07
N THR A 73 45.66 -4.26 0.30
CA THR A 73 46.93 -3.65 0.68
C THR A 73 46.68 -2.55 1.70
N VAL A 74 47.35 -2.63 2.84
CA VAL A 74 47.26 -1.64 3.90
C VAL A 74 48.65 -1.05 4.00
N ASN A 75 48.81 0.20 3.63
CA ASN A 75 50.10 0.87 3.68
C ASN A 75 50.05 1.96 4.74
N ARG A 76 50.93 1.84 5.75
CA ARG A 76 50.81 2.66 6.96
C ARG A 76 50.82 4.15 6.62
N ALA A 77 51.61 4.55 5.62
CA ALA A 77 51.71 5.94 5.25
C ALA A 77 50.58 6.39 4.31
N ALA A 78 49.98 5.47 3.57
CA ALA A 78 49.00 5.83 2.55
C ALA A 78 47.61 6.07 3.14
N VAL A 79 47.21 5.24 4.10
CA VAL A 79 45.88 5.25 4.72
C VAL A 79 45.61 6.53 5.51
N LEU A 80 44.35 6.74 5.87
CA LEU A 80 43.93 7.81 6.77
C LEU A 80 44.77 7.87 8.03
N GLN A 81 45.41 9.01 8.26
CA GLN A 81 46.34 9.22 9.34
C GLN A 81 45.62 9.70 10.61
N ASN A 82 46.29 9.52 11.75
CA ASN A 82 45.93 10.14 13.01
C ASN A 82 44.44 9.93 13.29
N THR A 83 44.09 8.67 13.45
CA THR A 83 42.69 8.31 13.58
C THR A 83 42.60 7.05 14.41
N TRP A 84 41.36 6.69 14.77
CA TRP A 84 41.18 5.49 15.57
C TRP A 84 41.26 4.26 14.69
N SER A 85 42.21 3.41 14.98
CA SER A 85 42.44 2.19 14.22
C SER A 85 43.19 1.17 15.07
N PRO A 86 42.49 0.23 15.70
CA PRO A 86 43.21 -0.90 16.31
C PRO A 86 43.97 -1.74 15.30
N MET A 87 43.61 -1.71 14.01
CA MET A 87 44.33 -2.50 13.03
C MET A 87 45.76 -1.97 12.83
N MET A 88 45.93 -0.65 12.84
CA MET A 88 47.25 -0.07 12.64
C MET A 88 48.12 -0.10 13.89
N LYS A 89 47.63 -0.65 15.02
CA LYS A 89 48.43 -0.93 16.19
C LYS A 89 48.61 -2.41 16.45
N ASP A 90 47.66 -3.22 15.97
CA ASP A 90 47.78 -4.68 16.04
C ASP A 90 48.83 -5.23 15.08
N HIS A 91 49.00 -4.62 13.91
CA HIS A 91 49.86 -5.15 12.87
C HIS A 91 51.06 -4.24 12.65
N GLN A 92 52.26 -4.82 12.77
CA GLN A 92 53.52 -4.14 12.59
C GLN A 92 53.93 -4.15 11.12
N GLY A 93 54.84 -3.25 10.78
CA GLY A 93 55.32 -3.28 9.42
C GLY A 93 54.84 -2.08 8.61
N ASP A 94 55.64 -1.70 7.62
CA ASP A 94 55.34 -0.50 6.86
C ASP A 94 54.22 -0.74 5.85
N GLU A 95 54.08 -1.98 5.38
CA GLU A 95 53.03 -2.43 4.48
C GLU A 95 52.74 -3.90 4.71
N PHE A 96 51.45 -4.22 4.67
CA PHE A 96 50.95 -5.56 4.84
C PHE A 96 49.58 -5.62 4.19
N THR A 97 49.11 -6.83 3.94
CA THR A 97 47.79 -7.08 3.39
C THR A 97 46.98 -7.83 4.44
N VAL A 98 45.72 -7.46 4.56
CA VAL A 98 44.80 -8.19 5.42
C VAL A 98 43.60 -8.61 4.57
N ALA A 99 42.93 -9.67 5.00
CA ALA A 99 41.76 -10.11 4.27
C ALA A 99 40.57 -9.19 4.51
N VAL A 100 39.67 -9.16 3.52
CA VAL A 100 38.42 -8.41 3.64
C VAL A 100 37.69 -8.77 4.92
N GLN A 101 37.67 -10.06 5.26
CA GLN A 101 37.08 -10.50 6.52
C GLN A 101 37.68 -9.77 7.73
N GLN A 102 39.01 -9.57 7.75
CA GLN A 102 39.51 -8.86 8.92
C GLN A 102 39.22 -7.37 8.83
N LEU A 103 39.12 -6.80 7.61
CA LEU A 103 38.67 -5.42 7.48
C LEU A 103 37.27 -5.25 8.04
N LEU A 104 36.38 -6.20 7.75
CA LEU A 104 35.01 -6.16 8.25
C LEU A 104 34.97 -6.22 9.78
N GLN A 105 35.69 -7.18 10.36
CA GLN A 105 35.65 -7.31 11.81
C GLN A 105 36.20 -6.07 12.51
N TYR A 106 37.25 -5.48 11.94
CA TYR A 106 37.83 -4.27 12.49
C TYR A 106 36.87 -3.09 12.42
N SER A 107 36.16 -2.96 11.31
CA SER A 107 35.23 -1.85 11.13
C SER A 107 34.00 -2.03 12.01
N VAL A 108 33.45 -3.23 12.05
CA VAL A 108 32.20 -3.43 12.78
C VAL A 108 32.46 -3.54 14.28
N SER A 109 33.34 -4.47 14.68
CA SER A 109 33.56 -4.77 16.10
C SER A 109 34.44 -3.75 16.78
N HIS A 110 35.48 -3.27 16.10
CA HIS A 110 36.38 -2.33 16.73
C HIS A 110 36.20 -0.91 16.24
N SER A 111 35.22 -0.67 15.36
CA SER A 111 34.88 0.67 14.89
C SER A 111 36.08 1.35 14.24
N ASP A 112 36.84 0.58 13.47
CA ASP A 112 38.15 1.02 13.00
C ASP A 112 37.97 1.91 11.78
N ASN A 113 38.62 3.08 11.80
CA ASN A 113 38.38 4.06 10.74
C ASN A 113 39.16 3.75 9.47
N VAL A 114 40.40 3.25 9.61
CA VAL A 114 41.18 2.89 8.44
C VAL A 114 40.53 1.70 7.72
N ALA A 115 40.24 0.63 8.45
CA ALA A 115 39.59 -0.53 7.86
C ALA A 115 38.29 -0.13 7.15
N CYS A 116 37.51 0.75 7.81
CA CYS A 116 36.26 1.22 7.22
C CYS A 116 36.50 1.94 5.90
N ASP A 117 37.49 2.84 5.85
CA ASP A 117 37.76 3.58 4.61
C ASP A 117 38.32 2.67 3.49
N LEU A 118 39.05 1.62 3.85
CA LEU A 118 39.48 0.68 2.80
C LEU A 118 38.30 -0.09 2.24
N LEU A 119 37.34 -0.50 3.10
CA LEU A 119 36.16 -1.15 2.56
C LEU A 119 35.33 -0.22 1.68
N PHE A 120 35.31 1.09 1.98
CA PHE A 120 34.68 2.04 1.07
C PHE A 120 35.34 2.02 -0.31
N GLU A 121 36.67 1.94 -0.37
CA GLU A 121 37.31 1.89 -1.68
C GLU A 121 36.86 0.66 -2.47
N LEU A 122 36.74 -0.51 -1.82
CA LEU A 122 36.44 -1.73 -2.55
C LEU A 122 35.01 -1.79 -3.06
N VAL A 123 34.10 -0.96 -2.53
CA VAL A 123 32.70 -1.10 -2.92
C VAL A 123 32.22 0.04 -3.78
N GLY A 124 33.04 1.07 -3.99
CA GLY A 124 32.67 2.21 -4.77
C GLY A 124 32.30 3.43 -4.00
N GLY A 125 32.90 3.65 -2.83
CA GLY A 125 32.75 4.89 -2.09
C GLY A 125 31.41 5.08 -1.41
N PRO A 126 31.27 6.22 -0.73
CA PRO A 126 29.98 6.54 -0.09
C PRO A 126 28.79 6.40 -1.01
N GLN A 127 28.94 6.76 -2.29
CA GLN A 127 27.82 6.66 -3.23
C GLN A 127 27.40 5.22 -3.42
N ALA A 128 28.34 4.28 -3.36
CA ALA A 128 27.91 2.89 -3.40
C ALA A 128 27.05 2.56 -2.20
N LEU A 129 27.45 3.04 -1.00
CA LEU A 129 26.68 2.66 0.18
C LEU A 129 25.37 3.41 0.24
N HIS A 130 25.35 4.66 -0.23
CA HIS A 130 24.07 5.39 -0.30
C HIS A 130 23.06 4.65 -1.19
N ALA A 131 23.51 4.18 -2.37
CA ALA A 131 22.60 3.42 -3.24
C ALA A 131 22.12 2.13 -2.56
N TYR A 132 23.03 1.43 -1.85
CA TYR A 132 22.64 0.18 -1.18
C TYR A 132 21.59 0.43 -0.11
N ILE A 133 21.72 1.50 0.67
CA ILE A 133 20.74 1.78 1.70
C ILE A 133 19.38 2.00 1.06
N GLN A 134 19.33 2.78 -0.02
CA GLN A 134 18.08 2.98 -0.73
C GLN A 134 17.53 1.68 -1.30
N SER A 135 18.43 0.82 -1.80
CA SER A 135 18.03 -0.43 -2.40
C SER A 135 17.35 -1.36 -1.41
N LEU A 136 17.54 -1.17 -0.11
CA LEU A 136 16.78 -1.94 0.87
C LEU A 136 15.41 -1.34 1.12
N GLY A 137 15.02 -0.34 0.32
CA GLY A 137 13.76 0.29 0.58
C GLY A 137 13.79 1.27 1.73
N VAL A 138 14.97 1.63 2.22
CA VAL A 138 15.09 2.65 3.26
C VAL A 138 15.29 4.02 2.60
N LYS A 139 14.35 4.94 2.82
CA LYS A 139 14.44 6.22 2.10
C LYS A 139 15.07 7.33 2.93
N GLU A 140 14.63 7.52 4.19
CA GLU A 140 15.04 8.67 4.99
C GLU A 140 16.41 8.41 5.65
N ALA A 141 17.44 8.33 4.81
CA ALA A 141 18.82 8.29 5.27
C ALA A 141 19.73 8.69 4.10
N ALA A 142 20.94 9.13 4.43
CA ALA A 142 21.87 9.54 3.38
C ALA A 142 23.30 9.27 3.84
N VAL A 143 24.15 8.87 2.89
CA VAL A 143 25.57 8.72 3.13
C VAL A 143 26.30 9.35 1.95
N VAL A 144 27.08 10.41 2.21
CA VAL A 144 27.83 11.12 1.17
C VAL A 144 29.33 11.18 1.46
N ALA A 145 29.78 10.89 2.68
CA ALA A 145 31.16 11.09 3.11
C ALA A 145 31.71 9.82 3.71
N ASN A 146 33.04 9.68 3.64
CA ASN A 146 33.74 8.62 4.34
C ASN A 146 34.37 9.14 5.63
N GLU A 147 35.16 8.28 6.28
CA GLU A 147 35.79 8.66 7.53
C GLU A 147 36.79 9.79 7.34
N ALA A 148 37.55 9.74 6.24
CA ALA A 148 38.57 10.76 5.99
C ALA A 148 37.95 12.14 5.80
N GLN A 149 36.86 12.23 5.03
CA GLN A 149 36.18 13.50 4.85
C GLN A 149 35.53 13.97 6.14
N MET A 150 35.08 13.04 6.98
CA MET A 150 34.49 13.48 8.24
C MET A 150 35.56 13.99 9.19
N HIS A 151 36.75 13.39 9.13
CA HIS A 151 37.84 13.86 9.97
C HIS A 151 38.35 15.20 9.51
N ALA A 152 38.20 15.50 8.23
CA ALA A 152 38.72 16.74 7.66
C ALA A 152 37.81 17.93 7.98
N ASP A 153 36.50 17.69 8.10
CA ASP A 153 35.50 18.72 8.29
C ASP A 153 34.47 18.21 9.28
N ASP A 154 34.41 18.84 10.47
CA ASP A 154 33.45 18.40 11.48
C ASP A 154 31.99 18.71 11.14
N GLN A 155 31.71 19.53 10.13
CA GLN A 155 30.31 19.77 9.80
C GLN A 155 29.81 18.77 8.77
N VAL A 156 30.71 17.97 8.21
CA VAL A 156 30.35 17.02 7.17
C VAL A 156 29.58 15.85 7.77
N GLN A 157 29.83 15.56 9.07
CA GLN A 157 29.14 14.46 9.76
C GLN A 157 27.63 14.58 9.67
N TYR A 158 27.10 15.80 9.65
CA TYR A 158 25.66 15.95 9.64
C TYR A 158 25.03 15.45 8.34
N GLN A 159 25.81 15.27 7.29
CA GLN A 159 25.21 14.77 6.07
C GLN A 159 25.24 13.26 5.94
N ASN A 160 25.98 12.56 6.78
CA ASN A 160 25.83 11.11 6.92
C ASN A 160 24.80 10.91 8.04
N TRP A 161 23.53 10.99 7.66
CA TRP A 161 22.45 11.03 8.64
C TRP A 161 21.44 9.93 8.38
N THR A 162 20.64 9.66 9.41
CA THR A 162 19.54 8.72 9.33
C THR A 162 18.39 9.27 10.13
N SER A 163 17.19 8.87 9.73
CA SER A 163 16.04 9.09 10.58
C SER A 163 15.87 7.89 11.49
N MET A 164 15.03 8.04 12.51
CA MET A 164 14.79 6.96 13.43
C MET A 164 14.03 5.81 12.77
N LYS A 165 13.10 6.12 11.86
CA LYS A 165 12.46 5.08 11.07
C LYS A 165 13.50 4.28 10.30
N ALA A 166 14.35 5.00 9.55
CA ALA A 166 15.44 4.38 8.82
C ALA A 166 16.39 3.62 9.72
N ALA A 167 16.58 4.06 10.97
CA ALA A 167 17.43 3.26 11.87
C ALA A 167 16.75 1.94 12.20
N ALA A 168 15.45 1.97 12.51
CA ALA A 168 14.72 0.73 12.76
C ALA A 168 14.75 -0.22 11.55
N GLN A 169 14.58 0.31 10.33
CA GLN A 169 14.47 -0.55 9.16
C GLN A 169 15.78 -1.29 8.87
N VAL A 170 16.92 -0.63 8.97
CA VAL A 170 18.20 -1.31 8.80
C VAL A 170 18.43 -2.36 9.91
N LEU A 171 18.09 -2.02 11.15
CA LEU A 171 18.25 -3.00 12.23
C LEU A 171 17.36 -4.21 11.98
N GLN A 172 16.15 -3.96 11.48
CA GLN A 172 15.23 -5.04 11.13
C GLN A 172 15.75 -5.85 9.95
N LYS A 173 16.27 -5.18 8.91
CA LYS A 173 16.74 -5.93 7.77
C LYS A 173 18.01 -6.72 8.09
N PHE A 174 18.81 -6.25 9.06
CA PHE A 174 19.93 -7.05 9.55
C PHE A 174 19.42 -8.22 10.36
N GLU A 175 18.54 -7.93 11.34
CA GLU A 175 18.11 -8.94 12.30
C GLU A 175 17.34 -10.08 11.66
N GLN A 176 16.62 -9.81 10.58
CA GLN A 176 15.72 -10.82 10.02
C GLN A 176 16.42 -11.83 9.13
N LYS A 177 17.71 -11.66 8.85
CA LYS A 177 18.59 -12.64 8.19
C LYS A 177 18.36 -12.76 6.70
N LYS A 178 17.49 -11.95 6.08
CA LYS A 178 17.12 -12.11 4.67
C LYS A 178 18.00 -11.35 3.69
N GLN A 179 18.87 -10.44 4.15
CA GLN A 179 19.66 -9.66 3.20
C GLN A 179 21.01 -10.29 2.89
N LEU A 180 21.35 -11.40 3.53
CA LEU A 180 22.69 -11.93 3.40
C LEU A 180 22.64 -13.45 3.45
N SER A 181 23.68 -14.09 2.90
CA SER A 181 23.81 -15.54 3.04
C SER A 181 23.94 -15.94 4.50
N GLU A 182 23.72 -17.24 4.79
CA GLU A 182 23.83 -17.68 6.18
C GLU A 182 25.24 -17.50 6.71
N THR A 183 26.25 -17.75 5.89
CA THR A 183 27.62 -17.52 6.34
C THR A 183 27.90 -16.03 6.56
N SER A 184 27.42 -15.17 5.66
CA SER A 184 27.68 -13.74 5.82
C SER A 184 26.89 -13.17 7.00
N GLN A 185 25.60 -13.50 7.11
CA GLN A 185 24.79 -13.14 8.27
C GLN A 185 25.48 -13.51 9.57
N ALA A 186 25.96 -14.75 9.66
CA ALA A 186 26.49 -15.19 10.95
C ALA A 186 27.78 -14.47 11.30
N LEU A 187 28.54 -14.02 10.32
CA LEU A 187 29.74 -13.27 10.66
C LEU A 187 29.38 -11.89 11.18
N LEU A 188 28.42 -11.22 10.53
CA LEU A 188 28.00 -9.88 10.95
C LEU A 188 27.41 -9.89 12.36
N TRP A 189 26.56 -10.88 12.69
CA TRP A 189 26.02 -11.01 14.04
C TRP A 189 27.14 -11.19 15.07
N LYS A 190 28.10 -12.07 14.77
CA LYS A 190 29.26 -12.27 15.64
C LYS A 190 30.01 -10.96 15.89
N TRP A 191 30.37 -10.26 14.82
CA TRP A 191 31.08 -8.98 14.96
C TRP A 191 30.26 -7.97 15.78
N MET A 192 28.93 -7.96 15.61
CA MET A 192 28.11 -7.00 16.35
C MET A 192 27.92 -7.44 17.80
N VAL A 193 27.91 -8.76 18.06
CA VAL A 193 27.81 -9.17 19.46
C VAL A 193 29.14 -9.01 20.17
N GLU A 194 30.24 -9.24 19.48
CA GLU A 194 31.50 -9.38 20.18
C GLU A 194 32.23 -8.07 20.40
N THR A 195 31.72 -6.96 19.90
CA THR A 195 32.32 -5.68 20.19
C THR A 195 32.38 -5.42 21.69
N THR A 196 33.40 -4.68 22.11
CA THR A 196 33.43 -4.16 23.47
C THR A 196 33.22 -2.65 23.51
N THR A 197 32.79 -2.05 22.40
CA THR A 197 32.47 -0.62 22.37
C THR A 197 31.21 -0.33 23.19
N GLY A 198 31.11 0.90 23.66
CA GLY A 198 29.92 1.40 24.30
C GLY A 198 29.26 0.49 25.32
N PRO A 199 30.02 -0.05 26.28
CA PRO A 199 29.37 -0.87 27.32
C PRO A 199 28.32 -0.11 28.15
N GLN A 200 28.43 1.21 28.29
CA GLN A 200 27.46 1.95 29.08
C GLN A 200 26.31 2.48 28.23
N ARG A 201 26.18 2.01 26.98
CA ARG A 201 25.09 2.54 26.17
C ARG A 201 23.95 1.53 26.21
N LEU A 202 23.60 0.88 25.10
CA LEU A 202 22.48 -0.05 25.13
C LEU A 202 22.65 -1.12 26.20
N LYS A 203 23.89 -1.60 26.42
CA LYS A 203 24.08 -2.64 27.42
C LYS A 203 24.16 -2.11 28.86
N GLY A 204 24.12 -0.78 29.07
CA GLY A 204 24.55 -0.23 30.34
C GLY A 204 23.70 -0.61 31.54
N LEU A 205 22.39 -0.77 31.35
CA LEU A 205 21.53 -1.10 32.49
C LEU A 205 20.80 -2.42 32.28
N LEU A 206 21.36 -3.35 31.38
CA LEU A 206 20.83 -4.68 31.18
C LEU A 206 21.58 -5.65 32.04
N PRO A 207 20.95 -6.77 32.41
CA PRO A 207 21.66 -7.77 33.23
C PRO A 207 22.92 -8.22 32.53
N ALA A 208 23.96 -8.44 33.32
CA ALA A 208 25.24 -8.91 32.82
C ALA A 208 25.04 -10.16 31.97
N GLY A 209 25.69 -10.18 30.81
CA GLY A 209 25.56 -11.31 29.94
C GLY A 209 24.43 -11.23 28.93
N THR A 210 23.59 -10.19 28.99
CA THR A 210 22.55 -10.02 27.96
C THR A 210 23.19 -9.88 26.59
N ILE A 211 22.70 -10.63 25.62
CA ILE A 211 23.27 -10.63 24.28
C ILE A 211 22.73 -9.42 23.52
N VAL A 212 23.62 -8.54 23.08
CA VAL A 212 23.24 -7.35 22.37
C VAL A 212 24.13 -7.21 21.15
N ALA A 213 23.56 -7.30 19.94
CA ALA A 213 24.29 -7.03 18.71
C ALA A 213 24.06 -5.57 18.35
N HIS A 214 25.14 -4.77 18.38
CA HIS A 214 24.97 -3.33 18.29
C HIS A 214 26.19 -2.68 17.68
N LYS A 215 25.99 -1.46 17.15
CA LYS A 215 27.04 -0.61 16.61
C LYS A 215 26.91 0.79 17.23
N THR A 216 28.00 1.24 17.84
CA THR A 216 28.13 2.55 18.46
C THR A 216 28.62 3.54 17.45
N GLY A 217 28.51 4.81 17.81
CA GLY A 217 29.09 5.90 17.05
C GLY A 217 29.17 7.10 17.96
N THR A 218 30.25 7.88 17.83
CA THR A 218 30.49 9.06 18.66
C THR A 218 31.28 10.11 17.89
N SER A 219 30.83 11.36 17.95
CA SER A 219 31.65 12.42 17.42
C SER A 219 32.62 12.92 18.50
N GLY A 220 33.52 13.82 18.10
CA GLY A 220 34.31 14.55 19.08
C GLY A 220 33.51 15.69 19.67
N VAL A 221 34.11 16.40 20.62
CA VAL A 221 33.43 17.52 21.24
C VAL A 221 33.85 18.81 20.55
N ARG A 222 32.97 19.81 20.64
CA ARG A 222 33.27 21.14 20.13
C ARG A 222 32.53 22.12 21.00
N ALA A 223 33.25 23.09 21.57
CA ALA A 223 32.59 24.14 22.37
C ALA A 223 31.65 23.53 23.39
N GLY A 224 32.12 22.48 24.06
CA GLY A 224 31.31 21.82 25.08
C GLY A 224 30.07 21.14 24.57
N LYS A 225 30.05 20.75 23.30
CA LYS A 225 28.93 19.99 22.80
C LYS A 225 29.42 18.76 22.05
N THR A 226 28.61 17.72 22.10
CA THR A 226 28.84 16.50 21.36
C THR A 226 27.75 16.35 20.31
N ALA A 227 28.15 16.37 19.05
CA ALA A 227 27.17 16.34 17.97
C ALA A 227 26.40 15.03 17.96
N ALA A 228 27.05 13.91 18.29
CA ALA A 228 26.44 12.58 18.19
C ALA A 228 27.02 11.63 19.22
N THR A 229 26.15 10.97 19.96
CA THR A 229 26.50 9.85 20.83
C THR A 229 25.44 8.78 20.55
N ASN A 230 25.79 7.74 19.79
CA ASN A 230 24.79 6.85 19.22
C ASN A 230 25.03 5.39 19.64
N ASP A 231 23.95 4.59 19.58
CA ASP A 231 24.07 3.13 19.70
C ASP A 231 22.81 2.49 19.14
N ALA A 232 22.98 1.51 18.28
CA ALA A 232 21.87 0.93 17.54
C ALA A 232 22.11 -0.57 17.53
N GLY A 233 21.11 -1.33 17.97
CA GLY A 233 21.37 -2.75 18.09
C GLY A 233 20.13 -3.58 18.36
N VAL A 234 20.39 -4.87 18.43
CA VAL A 234 19.39 -5.92 18.62
C VAL A 234 19.63 -6.51 19.98
N ILE A 235 18.65 -6.42 20.88
CA ILE A 235 18.75 -7.05 22.18
C ILE A 235 18.08 -8.41 22.11
N MET A 236 18.78 -9.46 22.48
CA MET A 236 18.14 -10.78 22.56
C MET A 236 17.44 -10.90 23.91
N LEU A 237 16.12 -11.02 23.88
CA LEU A 237 15.32 -11.22 25.07
C LEU A 237 15.55 -12.62 25.63
N PRO A 238 15.11 -12.88 26.87
CA PRO A 238 15.35 -14.21 27.48
C PRO A 238 14.66 -15.36 26.78
N ASP A 239 13.61 -15.11 25.99
CA ASP A 239 12.97 -16.14 25.19
C ASP A 239 13.63 -16.35 23.82
N GLY A 240 14.76 -15.69 23.56
CA GLY A 240 15.43 -15.74 22.27
C GLY A 240 14.93 -14.78 21.20
N ARG A 241 13.90 -13.97 21.45
CA ARG A 241 13.35 -13.08 20.43
C ARG A 241 14.07 -11.74 20.43
N PRO A 242 14.05 -11.04 19.29
CA PRO A 242 14.81 -9.79 19.18
C PRO A 242 14.02 -8.57 19.62
N LEU A 243 14.72 -7.65 20.29
CA LEU A 243 14.19 -6.34 20.63
C LEU A 243 15.12 -5.30 20.03
N LEU A 244 14.66 -4.58 19.00
CA LEU A 244 15.46 -3.57 18.33
C LEU A 244 15.34 -2.24 19.05
N VAL A 245 16.47 -1.62 19.35
CA VAL A 245 16.56 -0.32 20.01
C VAL A 245 17.69 0.46 19.35
N ALA A 246 17.40 1.68 18.91
CA ALA A 246 18.38 2.63 18.47
C ALA A 246 18.17 3.93 19.24
N VAL A 247 19.26 4.51 19.73
CA VAL A 247 19.22 5.79 20.41
C VAL A 247 20.34 6.65 19.85
N PHE A 248 19.99 7.83 19.35
CA PHE A 248 20.93 8.80 18.78
C PHE A 248 20.77 10.10 19.56
N VAL A 249 21.79 10.45 20.34
CA VAL A 249 21.82 11.69 21.11
C VAL A 249 22.56 12.73 20.30
N LYS A 250 21.83 13.72 19.79
CA LYS A 250 22.35 14.68 18.84
C LYS A 250 22.54 16.04 19.49
N ASP A 251 23.67 16.67 19.19
CA ASP A 251 24.00 18.04 19.60
C ASP A 251 23.68 18.25 21.07
N SER A 252 24.41 17.53 21.89
CA SER A 252 24.18 17.49 23.32
C SER A 252 25.14 18.41 24.04
N ALA A 253 24.60 19.14 25.01
CA ALA A 253 25.40 19.87 25.97
C ALA A 253 25.58 19.10 27.28
N GLU A 254 25.04 17.89 27.37
CA GLU A 254 25.22 17.13 28.60
C GLU A 254 26.61 16.50 28.61
N SER A 255 26.99 15.98 29.76
CA SER A 255 28.23 15.25 29.88
C SER A 255 28.11 13.94 29.12
N GLU A 256 29.26 13.32 28.85
CA GLU A 256 29.25 12.05 28.14
C GLU A 256 28.53 11.00 28.97
N ARG A 257 28.72 11.05 30.28
CA ARG A 257 28.09 10.10 31.19
C ARG A 257 26.58 10.22 31.14
N THR A 258 26.07 11.43 30.99
CA THR A 258 24.62 11.63 30.84
C THR A 258 24.16 11.16 29.46
N ASN A 259 24.92 11.50 28.39
CA ASN A 259 24.50 11.04 27.06
C ASN A 259 24.39 9.51 27.01
N GLU A 260 25.34 8.80 27.63
CA GLU A 260 25.26 7.34 27.56
C GLU A 260 24.18 6.81 28.47
N ALA A 261 23.99 7.46 29.61
CA ALA A 261 22.91 7.08 30.51
C ALA A 261 21.57 7.22 29.82
N ILE A 262 21.44 8.21 28.94
CA ILE A 262 20.17 8.36 28.23
C ILE A 262 19.95 7.15 27.35
N ILE A 263 20.98 6.76 26.61
CA ILE A 263 20.87 5.57 25.76
C ILE A 263 20.54 4.38 26.62
N ALA A 264 21.26 4.21 27.71
CA ALA A 264 21.08 3.02 28.53
C ALA A 264 19.68 2.98 29.10
N GLN A 265 19.15 4.12 29.53
CA GLN A 265 17.85 4.12 30.20
C GLN A 265 16.74 3.79 29.23
N VAL A 266 16.84 4.26 27.98
CA VAL A 266 15.81 3.90 27.00
C VAL A 266 15.83 2.39 26.78
N ALA A 267 17.03 1.84 26.56
CA ALA A 267 17.14 0.41 26.28
C ALA A 267 16.60 -0.41 27.44
N GLN A 268 16.88 0.02 28.67
CA GLN A 268 16.35 -0.66 29.86
C GLN A 268 14.81 -0.61 29.91
N ALA A 269 14.22 0.54 29.59
CA ALA A 269 12.77 0.67 29.68
C ALA A 269 12.08 -0.23 28.67
N ALA A 270 12.61 -0.25 27.44
CA ALA A 270 12.10 -1.13 26.39
C ALA A 270 12.29 -2.58 26.78
N TYR A 271 13.44 -2.88 27.38
CA TYR A 271 13.72 -4.23 27.80
C TYR A 271 12.74 -4.69 28.86
N GLN A 272 12.59 -3.89 29.92
CA GLN A 272 11.72 -4.29 31.01
C GLN A 272 10.27 -4.31 30.57
N PHE A 273 9.91 -3.46 29.61
CA PHE A 273 8.57 -3.55 29.05
C PHE A 273 8.31 -4.95 28.46
N GLU A 274 9.29 -5.49 27.72
CA GLU A 274 9.17 -6.81 27.12
C GLU A 274 9.29 -7.91 28.16
N LEU A 275 10.08 -7.73 29.23
CA LEU A 275 10.23 -8.80 30.21
C LEU A 275 8.95 -9.09 30.97
N LYS A 276 8.07 -8.11 31.16
CA LYS A 276 6.91 -8.42 31.99
C LYS A 276 5.90 -9.27 31.24
N LYS A 277 5.97 -9.27 29.92
CA LYS A 277 5.19 -10.15 29.08
C LYS A 277 5.57 -11.65 29.21
N LEU A 278 6.52 -12.05 30.06
CA LEU A 278 6.92 -13.46 30.11
C LEU A 278 7.45 -13.80 31.52
N SER A 279 8.18 -14.92 31.60
CA SER A 279 8.97 -15.27 32.78
C SER A 279 10.04 -16.30 32.38
N SER B 4 -12.71 4.53 24.62
CA SER B 4 -12.29 5.45 23.58
C SER B 4 -12.13 4.84 22.17
N PRO B 5 -11.44 3.71 22.02
CA PRO B 5 -10.96 3.27 20.68
C PRO B 5 -12.01 2.77 19.69
N LEU B 6 -13.31 2.75 19.95
CA LEU B 6 -14.22 2.39 18.81
C LEU B 6 -14.22 3.50 17.77
N LEU B 7 -13.88 4.72 18.19
CA LEU B 7 -13.69 5.79 17.22
C LEU B 7 -12.59 5.41 16.28
N LYS B 8 -11.59 4.75 16.82
CA LYS B 8 -10.59 4.21 15.93
C LYS B 8 -11.24 3.19 14.98
N GLU B 9 -11.75 2.06 15.48
CA GLU B 9 -12.12 1.00 14.53
C GLU B 9 -12.92 1.52 13.35
N GLN B 10 -13.64 2.64 13.53
CA GLN B 10 -14.26 3.32 12.41
C GLN B 10 -13.23 3.92 11.47
N ILE B 11 -12.19 4.58 12.01
CA ILE B 11 -11.16 5.22 11.18
C ILE B 11 -10.36 4.18 10.39
N GLU B 12 -10.04 3.00 10.99
CA GLU B 12 -9.37 1.93 10.24
C GLU B 12 -10.25 1.47 9.09
N THR B 13 -11.55 1.48 9.27
CA THR B 13 -12.40 1.01 8.19
C THR B 13 -12.40 2.02 7.08
N ILE B 14 -12.15 3.29 7.42
CA ILE B 14 -12.14 4.35 6.44
C ILE B 14 -10.84 4.32 5.64
N VAL B 15 -9.72 3.96 6.26
CA VAL B 15 -8.44 4.08 5.56
C VAL B 15 -7.84 2.75 5.08
N THR B 16 -8.20 1.61 5.67
CA THR B 16 -7.49 0.36 5.33
C THR B 16 -7.75 -0.03 3.88
N GLY B 17 -6.67 -0.38 3.18
CA GLY B 17 -6.72 -0.73 1.77
C GLY B 17 -6.83 0.44 0.83
N LYS B 18 -6.86 1.68 1.35
CA LYS B 18 -6.90 2.84 0.49
C LYS B 18 -5.49 3.17 0.01
N LYS B 19 -5.37 3.42 -1.28
CA LYS B 19 -4.05 3.57 -1.87
C LYS B 19 -3.60 5.01 -1.67
N ALA B 20 -3.30 5.32 -0.40
CA ALA B 20 -2.88 6.64 0.05
C ALA B 20 -2.32 6.49 1.45
N THR B 21 -1.57 7.52 1.90
CA THR B 21 -1.12 7.59 3.30
C THR B 21 -1.97 8.67 3.98
N VAL B 22 -2.83 8.27 4.91
CA VAL B 22 -3.82 9.17 5.49
C VAL B 22 -3.35 9.59 6.88
N GLY B 23 -3.06 10.87 7.07
CA GLY B 23 -2.80 11.40 8.37
C GLY B 23 -4.09 11.92 9.00
N VAL B 24 -4.24 11.64 10.30
CA VAL B 24 -5.45 11.98 11.03
C VAL B 24 -5.08 12.56 12.37
N ALA B 25 -5.72 13.67 12.72
CA ALA B 25 -5.69 14.23 14.08
C ALA B 25 -7.12 14.53 14.49
N VAL B 26 -7.52 14.01 15.65
CA VAL B 26 -8.84 14.29 16.22
C VAL B 26 -8.64 14.65 17.69
N TRP B 27 -9.07 15.86 18.07
CA TRP B 27 -8.90 16.35 19.44
C TRP B 27 -10.26 16.85 19.94
N GLY B 28 -11.00 16.02 20.67
CA GLY B 28 -12.25 16.46 21.26
C GLY B 28 -12.03 17.31 22.51
N PRO B 29 -13.08 18.00 22.93
CA PRO B 29 -12.92 18.98 24.04
C PRO B 29 -12.68 18.33 25.41
N ASP B 30 -12.83 17.01 25.53
CA ASP B 30 -12.53 16.30 26.76
C ASP B 30 -11.26 15.45 26.66
N ASP B 31 -10.52 15.53 25.56
CA ASP B 31 -9.30 14.73 25.36
C ASP B 31 -8.08 15.50 25.88
N LEU B 32 -7.20 14.84 26.64
CA LEU B 32 -5.97 15.54 26.95
C LEU B 32 -4.97 15.50 25.81
N GLU B 33 -5.02 14.47 24.98
CA GLU B 33 -4.12 14.26 23.85
C GLU B 33 -4.91 14.08 22.57
N PRO B 34 -4.36 14.52 21.45
CA PRO B 34 -5.00 14.21 20.16
C PRO B 34 -4.90 12.73 19.80
N LEU B 35 -5.97 12.21 19.21
CA LEU B 35 -5.87 10.93 18.51
C LEU B 35 -5.16 11.12 17.16
N LEU B 36 -4.11 10.35 16.94
CA LEU B 36 -3.28 10.51 15.75
C LEU B 36 -3.18 9.21 14.98
N LEU B 37 -3.12 9.35 13.67
CA LEU B 37 -2.81 8.22 12.83
C LEU B 37 -1.71 8.66 11.87
N ASN B 38 -0.74 7.78 11.66
CA ASN B 38 0.51 8.15 10.99
C ASN B 38 1.17 9.37 11.62
N PRO B 39 1.47 9.31 12.93
CA PRO B 39 2.10 10.48 13.60
C PRO B 39 3.55 10.68 13.18
N PHE B 40 4.19 9.72 12.52
CA PHE B 40 5.59 9.89 12.19
C PHE B 40 5.82 10.23 10.70
N GLU B 41 4.75 10.45 9.93
CA GLU B 41 4.93 10.86 8.53
C GLU B 41 4.94 12.38 8.41
N LYS B 42 5.58 12.87 7.34
CA LYS B 42 5.64 14.29 7.03
C LYS B 42 4.61 14.57 5.95
N PHE B 43 3.54 15.30 6.30
CA PHE B 43 2.47 15.53 5.33
C PHE B 43 2.65 16.89 4.68
N PRO B 44 2.75 16.97 3.36
CA PRO B 44 2.85 18.30 2.72
C PRO B 44 1.57 19.11 2.97
N MET B 45 1.76 20.37 3.35
CA MET B 45 0.63 21.16 3.79
C MET B 45 -0.16 21.78 2.64
N GLN B 46 0.49 22.12 1.54
CA GLN B 46 -0.13 22.91 0.45
C GLN B 46 -0.82 24.11 1.08
N SER B 47 -2.03 24.45 0.67
CA SER B 47 -2.60 25.72 1.10
C SER B 47 -2.86 25.79 2.59
N VAL B 48 -2.72 24.67 3.32
CA VAL B 48 -3.07 24.68 4.73
C VAL B 48 -2.22 25.69 5.49
N PHE B 49 -1.02 25.96 5.00
CA PHE B 49 -0.10 26.83 5.75
C PHE B 49 -0.48 28.31 5.64
N LYS B 50 -1.51 28.62 4.86
CA LYS B 50 -2.08 29.96 4.86
C LYS B 50 -2.75 30.28 6.19
N LEU B 51 -3.15 29.26 6.97
CA LEU B 51 -3.58 29.52 8.34
C LEU B 51 -2.41 29.99 9.18
N HIS B 52 -1.31 29.22 9.15
CA HIS B 52 -0.09 29.61 9.84
C HIS B 52 0.34 31.00 9.42
N LEU B 53 0.40 31.26 8.11
CA LEU B 53 0.79 32.59 7.64
C LEU B 53 -0.11 33.68 8.21
N ALA B 54 -1.42 33.45 8.19
CA ALA B 54 -2.33 34.46 8.72
C ALA B 54 -2.07 34.72 10.19
N MET B 55 -1.77 33.65 10.94
CA MET B 55 -1.52 33.81 12.37
C MET B 55 -0.27 34.65 12.63
N LEU B 56 0.79 34.45 11.83
CA LEU B 56 1.97 35.28 11.99
C LEU B 56 1.72 36.69 11.48
N VAL B 57 0.99 36.82 10.37
CA VAL B 57 0.69 38.16 9.87
C VAL B 57 -0.13 38.93 10.88
N LEU B 58 -1.15 38.27 11.43
CA LEU B 58 -1.98 38.89 12.46
C LEU B 58 -1.22 39.03 13.76
N HIS B 59 -0.12 38.30 13.93
CA HIS B 59 0.65 38.54 15.13
C HIS B 59 1.46 39.82 14.99
N GLN B 60 1.92 40.09 13.77
CA GLN B 60 2.66 41.31 13.48
C GLN B 60 1.76 42.55 13.49
N VAL B 61 0.49 42.44 13.10
CA VAL B 61 -0.41 43.58 13.31
C VAL B 61 -0.54 43.88 14.80
N ASP B 62 -0.76 42.84 15.61
CA ASP B 62 -0.93 42.99 17.05
C ASP B 62 0.29 43.59 17.73
N GLN B 63 1.47 43.37 17.15
CA GLN B 63 2.68 43.91 17.73
C GLN B 63 3.05 45.29 17.19
N GLY B 64 2.30 45.86 16.23
CA GLY B 64 2.66 47.19 15.74
C GLY B 64 3.56 47.14 14.54
N LYS B 65 3.94 45.93 14.15
CA LYS B 65 4.72 45.56 12.97
C LYS B 65 4.05 45.97 11.65
N LEU B 66 2.75 45.67 11.55
CA LEU B 66 1.91 45.95 10.42
C LEU B 66 0.60 46.55 10.89
N ASP B 67 -0.21 46.92 9.90
CA ASP B 67 -1.52 47.46 10.14
C ASP B 67 -2.51 46.85 9.16
N LEU B 68 -3.67 46.47 9.65
CA LEU B 68 -4.63 45.82 8.78
C LEU B 68 -5.12 46.73 7.68
N ASN B 69 -4.99 48.05 7.86
CA ASN B 69 -5.43 48.96 6.82
C ASN B 69 -4.29 49.39 5.93
N GLN B 70 -3.08 48.99 6.27
CA GLN B 70 -1.91 49.32 5.47
C GLN B 70 -2.11 48.79 4.05
N SER B 71 -1.89 49.66 3.07
CA SER B 71 -2.13 49.25 1.70
C SER B 71 -0.88 48.66 1.08
N VAL B 72 -1.11 47.78 0.10
CA VAL B 72 -0.05 47.16 -0.69
C VAL B 72 -0.42 47.36 -2.16
N THR B 73 0.57 47.72 -2.96
CA THR B 73 0.39 47.94 -4.39
C THR B 73 0.64 46.63 -5.11
N VAL B 74 -0.27 46.26 -5.98
CA VAL B 74 -0.20 45.01 -6.72
C VAL B 74 -0.03 45.40 -8.17
N ASN B 75 1.05 44.90 -8.78
CA ASN B 75 1.31 45.11 -10.19
C ASN B 75 1.02 43.80 -10.89
N ARG B 76 0.05 43.83 -11.80
CA ARG B 76 -0.47 42.63 -12.41
C ARG B 76 0.60 41.81 -13.13
N ALA B 77 1.65 42.46 -13.64
CA ALA B 77 2.66 41.71 -14.39
C ALA B 77 3.77 41.15 -13.50
N ALA B 78 4.02 41.77 -12.35
CA ALA B 78 5.13 41.38 -11.46
C ALA B 78 4.79 40.26 -10.48
N VAL B 79 3.51 40.05 -10.17
CA VAL B 79 3.10 39.01 -9.22
C VAL B 79 3.37 37.63 -9.81
N LEU B 80 3.20 36.59 -8.99
CA LEU B 80 3.27 35.23 -9.49
C LEU B 80 2.20 35.01 -10.58
N GLN B 81 2.57 34.26 -11.63
CA GLN B 81 1.76 34.18 -12.83
C GLN B 81 1.14 32.80 -12.99
N ASN B 82 -0.05 32.76 -13.58
CA ASN B 82 -0.74 31.50 -13.84
C ASN B 82 -0.86 30.66 -12.58
N THR B 83 -1.64 31.19 -11.65
CA THR B 83 -1.79 30.59 -10.34
C THR B 83 -3.20 30.85 -9.88
N TRP B 84 -3.62 30.15 -8.81
CA TRP B 84 -4.98 30.36 -8.30
C TRP B 84 -5.00 31.66 -7.50
N SER B 85 -5.79 32.61 -7.97
CA SER B 85 -5.87 33.92 -7.35
C SER B 85 -7.19 34.57 -7.74
N PRO B 86 -8.22 34.43 -6.91
CA PRO B 86 -9.44 35.23 -7.13
C PRO B 86 -9.21 36.72 -7.05
N MET B 87 -8.16 37.18 -6.36
CA MET B 87 -7.92 38.62 -6.29
C MET B 87 -7.53 39.17 -7.68
N MET B 88 -6.79 38.39 -8.46
CA MET B 88 -6.41 38.86 -9.78
C MET B 88 -7.56 38.72 -10.76
N LYS B 89 -8.55 37.90 -10.43
CA LYS B 89 -9.80 37.85 -11.20
C LYS B 89 -10.74 38.97 -10.78
N ASP B 90 -10.78 39.27 -9.49
CA ASP B 90 -11.66 40.31 -8.98
C ASP B 90 -11.16 41.69 -9.35
N HIS B 91 -9.85 41.87 -9.29
CA HIS B 91 -9.22 43.16 -9.51
C HIS B 91 -8.29 43.02 -10.70
N GLN B 92 -8.80 43.48 -11.84
CA GLN B 92 -8.06 43.51 -13.09
C GLN B 92 -7.42 44.89 -13.27
N GLY B 93 -6.67 45.05 -14.34
CA GLY B 93 -6.01 46.34 -14.28
C GLY B 93 -4.56 46.20 -13.88
N ASP B 94 -3.74 47.09 -14.39
CA ASP B 94 -2.31 46.82 -14.36
C ASP B 94 -1.74 47.02 -12.98
N GLU B 95 -2.38 47.87 -12.21
CA GLU B 95 -1.93 48.13 -10.86
C GLU B 95 -3.11 48.53 -9.98
N PHE B 96 -3.10 48.03 -8.74
CA PHE B 96 -4.16 48.33 -7.80
C PHE B 96 -3.58 48.25 -6.40
N THR B 97 -4.33 48.82 -5.46
CA THR B 97 -4.00 48.84 -4.04
C THR B 97 -5.02 48.04 -3.26
N VAL B 98 -4.54 47.15 -2.41
CA VAL B 98 -5.34 46.32 -1.52
C VAL B 98 -4.82 46.49 -0.10
N ALA B 99 -5.70 46.42 0.87
CA ALA B 99 -5.28 46.48 2.27
C ALA B 99 -4.76 45.13 2.76
N VAL B 100 -3.82 45.19 3.71
CA VAL B 100 -3.30 43.95 4.31
C VAL B 100 -4.44 43.09 4.78
N GLN B 101 -5.47 43.71 5.38
CA GLN B 101 -6.65 42.97 5.81
C GLN B 101 -7.30 42.20 4.66
N GLN B 102 -7.40 42.81 3.48
CA GLN B 102 -8.09 42.14 2.38
C GLN B 102 -7.23 41.04 1.77
N LEU B 103 -5.91 41.22 1.82
CA LEU B 103 -4.99 40.15 1.42
C LEU B 103 -5.20 38.91 2.28
N LEU B 104 -5.32 39.10 3.61
CA LEU B 104 -5.50 38.00 4.54
C LEU B 104 -6.76 37.22 4.21
N GLN B 105 -7.87 37.92 4.00
CA GLN B 105 -9.12 37.23 3.68
C GLN B 105 -9.01 36.49 2.34
N TYR B 106 -8.33 37.09 1.36
CA TYR B 106 -8.12 36.39 0.10
C TYR B 106 -7.30 35.13 0.32
N SER B 107 -6.26 35.26 1.13
CA SER B 107 -5.37 34.13 1.39
C SER B 107 -6.10 33.09 2.26
N VAL B 108 -6.80 33.54 3.30
CA VAL B 108 -7.37 32.57 4.23
C VAL B 108 -8.66 31.97 3.69
N SER B 109 -9.61 32.82 3.28
CA SER B 109 -10.92 32.32 2.85
C SER B 109 -10.90 31.82 1.42
N HIS B 110 -10.16 32.47 0.52
CA HIS B 110 -10.19 32.07 -0.89
C HIS B 110 -8.95 31.30 -1.31
N SER B 111 -8.03 31.04 -0.37
CA SER B 111 -6.87 30.22 -0.64
C SER B 111 -6.06 30.81 -1.78
N ASP B 112 -5.90 32.14 -1.75
CA ASP B 112 -5.38 32.87 -2.90
C ASP B 112 -3.85 32.90 -2.89
N ASN B 113 -3.24 32.47 -4.02
CA ASN B 113 -1.80 32.26 -4.05
C ASN B 113 -1.02 33.57 -4.18
N VAL B 114 -1.50 34.53 -4.97
CA VAL B 114 -0.81 35.80 -5.05
C VAL B 114 -0.89 36.50 -3.69
N ALA B 115 -2.11 36.54 -3.12
CA ALA B 115 -2.31 37.13 -1.80
C ALA B 115 -1.37 36.52 -0.76
N CYS B 116 -1.25 35.19 -0.74
CA CYS B 116 -0.37 34.51 0.21
C CYS B 116 1.06 35.00 0.05
N ASP B 117 1.54 35.05 -1.19
CA ASP B 117 2.91 35.46 -1.45
C ASP B 117 3.14 36.94 -1.18
N LEU B 118 2.14 37.80 -1.36
CA LEU B 118 2.38 39.19 -0.97
C LEU B 118 2.51 39.31 0.55
N LEU B 119 1.68 38.58 1.31
CA LEU B 119 1.81 38.59 2.77
C LEU B 119 3.16 38.01 3.22
N PHE B 120 3.68 37.03 2.48
CA PHE B 120 5.02 36.53 2.76
C PHE B 120 6.07 37.63 2.65
N GLU B 121 5.98 38.48 1.61
CA GLU B 121 6.96 39.54 1.42
C GLU B 121 6.99 40.49 2.60
N LEU B 122 5.83 40.83 3.15
CA LEU B 122 5.78 41.81 4.21
C LEU B 122 6.20 41.27 5.59
N VAL B 123 6.23 39.95 5.80
CA VAL B 123 6.52 39.41 7.13
C VAL B 123 7.87 38.73 7.22
N GLY B 124 8.61 38.63 6.11
CA GLY B 124 9.92 38.02 6.11
C GLY B 124 9.98 36.62 5.55
N GLY B 125 9.11 36.26 4.61
CA GLY B 125 9.23 35.03 3.87
C GLY B 125 8.97 33.78 4.69
N PRO B 126 9.09 32.63 4.04
CA PRO B 126 8.91 31.34 4.75
C PRO B 126 9.67 31.25 6.07
N GLN B 127 10.95 31.61 6.05
CA GLN B 127 11.80 31.54 7.24
C GLN B 127 11.21 32.30 8.42
N ALA B 128 10.49 33.39 8.17
CA ALA B 128 9.86 34.10 9.27
C ALA B 128 8.71 33.29 9.84
N LEU B 129 7.94 32.65 8.96
CA LEU B 129 6.78 31.89 9.41
C LEU B 129 7.23 30.59 10.06
N HIS B 130 8.31 30.00 9.56
CA HIS B 130 8.90 28.84 10.22
C HIS B 130 9.32 29.17 11.63
N ALA B 131 10.02 30.30 11.81
CA ALA B 131 10.40 30.73 13.15
C ALA B 131 9.17 30.95 14.02
N TYR B 132 8.11 31.50 13.44
CA TYR B 132 6.89 31.71 14.20
C TYR B 132 6.28 30.39 14.63
N ILE B 133 6.22 29.40 13.72
CA ILE B 133 5.66 28.10 14.08
C ILE B 133 6.47 27.47 15.22
N GLN B 134 7.80 27.56 15.16
CA GLN B 134 8.59 27.06 16.27
C GLN B 134 8.27 27.82 17.55
N SER B 135 8.07 29.14 17.44
CA SER B 135 7.83 30.00 18.59
C SER B 135 6.52 29.66 19.30
N LEU B 136 5.60 28.97 18.63
CA LEU B 136 4.43 28.45 19.33
C LEU B 136 4.73 27.13 20.05
N GLY B 137 5.98 26.70 20.08
CA GLY B 137 6.27 25.40 20.65
C GLY B 137 5.87 24.26 19.76
N VAL B 138 5.47 24.54 18.53
CA VAL B 138 5.23 23.50 17.52
C VAL B 138 6.53 23.26 16.78
N LYS B 139 7.11 22.07 16.97
CA LYS B 139 8.39 21.72 16.36
C LYS B 139 8.24 20.82 15.14
N GLU B 140 7.28 19.90 15.13
CA GLU B 140 7.15 18.91 14.07
C GLU B 140 6.50 19.50 12.81
N ALA B 141 7.11 20.56 12.30
CA ALA B 141 6.62 21.22 11.11
C ALA B 141 7.78 21.98 10.50
N ALA B 142 7.71 22.22 9.20
CA ALA B 142 8.74 23.01 8.53
C ALA B 142 8.07 23.83 7.43
N VAL B 143 8.54 25.05 7.24
CA VAL B 143 8.10 25.92 6.16
C VAL B 143 9.34 26.53 5.54
N VAL B 144 9.64 26.15 4.29
CA VAL B 144 10.82 26.64 3.60
C VAL B 144 10.50 27.36 2.29
N ALA B 145 9.32 27.18 1.71
CA ALA B 145 9.03 27.73 0.39
C ALA B 145 7.75 28.57 0.43
N ASN B 146 7.64 29.50 -0.53
CA ASN B 146 6.41 30.24 -0.76
C ASN B 146 5.68 29.61 -1.94
N GLU B 147 4.58 30.24 -2.37
CA GLU B 147 3.80 29.63 -3.46
C GLU B 147 4.59 29.57 -4.77
N ALA B 148 5.35 30.61 -5.10
CA ALA B 148 6.06 30.63 -6.38
C ALA B 148 7.04 29.47 -6.47
N GLN B 149 7.81 29.23 -5.40
CA GLN B 149 8.79 28.16 -5.41
C GLN B 149 8.14 26.78 -5.53
N MET B 150 6.94 26.62 -4.97
CA MET B 150 6.20 25.36 -5.09
C MET B 150 5.61 25.21 -6.48
N HIS B 151 5.12 26.30 -7.08
CA HIS B 151 4.60 26.18 -8.45
C HIS B 151 5.72 25.97 -9.46
N ALA B 152 6.95 26.39 -9.15
CA ALA B 152 8.06 26.16 -10.07
C ALA B 152 8.53 24.71 -10.03
N ASP B 153 8.42 24.06 -8.88
CA ASP B 153 8.96 22.71 -8.67
C ASP B 153 7.96 21.92 -7.83
N ASP B 154 7.30 20.94 -8.48
CA ASP B 154 6.26 20.20 -7.80
C ASP B 154 6.78 19.31 -6.67
N GLN B 155 8.10 19.12 -6.52
CA GLN B 155 8.62 18.34 -5.41
C GLN B 155 8.92 19.23 -4.20
N VAL B 156 8.80 20.54 -4.34
CA VAL B 156 9.07 21.44 -3.23
C VAL B 156 7.95 21.44 -2.20
N GLN B 157 6.73 21.04 -2.57
CA GLN B 157 5.63 20.98 -1.60
C GLN B 157 5.97 20.09 -0.40
N TYR B 158 6.76 19.05 -0.61
CA TYR B 158 7.10 18.10 0.44
C TYR B 158 7.94 18.73 1.53
N GLN B 159 8.49 19.91 1.29
CA GLN B 159 9.32 20.61 2.27
C GLN B 159 8.53 21.55 3.15
N ASN B 160 7.31 21.93 2.74
CA ASN B 160 6.34 22.60 3.60
C ASN B 160 5.44 21.50 4.18
N TRP B 161 5.93 20.89 5.26
CA TRP B 161 5.25 19.71 5.78
C TRP B 161 4.83 19.96 7.21
N THR B 162 3.92 19.11 7.68
CA THR B 162 3.51 19.07 9.06
C THR B 162 3.27 17.62 9.47
N SER B 163 3.45 17.34 10.76
CA SER B 163 2.95 16.10 11.35
C SER B 163 1.53 16.30 11.85
N MET B 164 0.88 15.19 12.15
CA MET B 164 -0.48 15.25 12.63
C MET B 164 -0.54 15.88 14.01
N LYS B 165 0.47 15.65 14.87
CA LYS B 165 0.51 16.33 16.16
C LYS B 165 0.70 17.84 15.99
N ALA B 166 1.62 18.25 15.10
CA ALA B 166 1.81 19.66 14.82
C ALA B 166 0.59 20.31 14.18
N ALA B 167 -0.20 19.55 13.41
CA ALA B 167 -1.46 20.10 12.87
C ALA B 167 -2.48 20.31 13.98
N ALA B 168 -2.62 19.33 14.88
CA ALA B 168 -3.47 19.49 16.05
C ALA B 168 -3.03 20.70 16.88
N GLN B 169 -1.72 20.89 17.04
CA GLN B 169 -1.25 21.94 17.95
C GLN B 169 -1.62 23.32 17.41
N VAL B 170 -1.36 23.58 16.12
CA VAL B 170 -1.71 24.91 15.58
C VAL B 170 -3.21 25.11 15.57
N LEU B 171 -4.00 24.06 15.33
CA LEU B 171 -5.45 24.17 15.43
C LEU B 171 -5.88 24.50 16.87
N GLN B 172 -5.24 23.89 17.88
CA GLN B 172 -5.52 24.23 19.27
C GLN B 172 -5.03 25.64 19.58
N LYS B 173 -3.85 25.99 19.05
CA LYS B 173 -3.30 27.35 19.20
C LYS B 173 -4.17 28.39 18.55
N PHE B 174 -4.90 28.05 17.48
CA PHE B 174 -5.82 28.99 16.84
C PHE B 174 -7.14 29.08 17.61
N GLU B 175 -7.76 27.94 17.87
CA GLU B 175 -9.09 27.92 18.47
C GLU B 175 -9.12 28.53 19.86
N GLN B 176 -8.02 28.44 20.64
CA GLN B 176 -8.05 28.84 22.05
C GLN B 176 -7.95 30.34 22.28
N LYS B 177 -7.73 31.14 21.24
CA LYS B 177 -7.89 32.59 21.29
C LYS B 177 -6.77 33.31 22.03
N LYS B 178 -5.68 32.64 22.39
CA LYS B 178 -4.65 33.28 23.22
C LYS B 178 -3.40 33.72 22.47
N GLN B 179 -3.36 33.59 21.16
CA GLN B 179 -2.18 34.00 20.38
C GLN B 179 -2.39 35.31 19.64
N LEU B 180 -3.59 35.87 19.70
CA LEU B 180 -3.95 37.02 18.90
C LEU B 180 -4.88 37.90 19.73
N SER B 181 -4.92 39.18 19.37
CA SER B 181 -5.87 40.11 19.96
C SER B 181 -7.28 39.62 19.71
N GLU B 182 -8.23 40.16 20.49
CA GLU B 182 -9.61 39.72 20.32
C GLU B 182 -10.12 40.08 18.93
N THR B 183 -9.81 41.29 18.44
CA THR B 183 -10.26 41.70 17.10
C THR B 183 -9.60 40.87 16.01
N SER B 184 -8.29 40.62 16.12
CA SER B 184 -7.61 39.80 15.12
C SER B 184 -8.09 38.36 15.16
N GLN B 185 -8.18 37.79 16.37
CA GLN B 185 -8.79 36.47 16.53
C GLN B 185 -10.10 36.37 15.77
N ALA B 186 -10.94 37.41 15.90
CA ALA B 186 -12.28 37.40 15.33
C ALA B 186 -12.24 37.48 13.80
N LEU B 187 -11.20 38.11 13.24
CA LEU B 187 -11.09 38.11 11.78
C LEU B 187 -10.67 36.75 11.26
N LEU B 188 -9.69 36.12 11.92
CA LEU B 188 -9.23 34.81 11.49
C LEU B 188 -10.35 33.77 11.59
N TRP B 189 -11.08 33.79 12.69
CA TRP B 189 -12.21 32.87 12.81
C TRP B 189 -13.22 33.14 11.69
N LYS B 190 -13.55 34.41 11.47
CA LYS B 190 -14.48 34.76 10.41
C LYS B 190 -14.00 34.26 9.06
N TRP B 191 -12.76 34.54 8.71
CA TRP B 191 -12.24 34.08 7.43
C TRP B 191 -12.26 32.56 7.30
N MET B 192 -11.99 31.85 8.39
CA MET B 192 -12.00 30.41 8.29
C MET B 192 -13.38 29.78 8.32
N VAL B 193 -14.37 30.41 8.94
CA VAL B 193 -15.74 29.89 8.84
C VAL B 193 -16.38 30.24 7.50
N GLU B 194 -16.03 31.36 6.90
CA GLU B 194 -16.81 31.80 5.75
C GLU B 194 -16.29 31.27 4.43
N THR B 195 -15.15 30.58 4.43
CA THR B 195 -14.65 29.96 3.21
C THR B 195 -15.70 29.02 2.63
N THR B 196 -15.70 28.91 1.31
CA THR B 196 -16.51 27.90 0.66
C THR B 196 -15.66 26.82 0.01
N THR B 197 -14.36 26.84 0.22
CA THR B 197 -13.52 25.78 -0.30
C THR B 197 -13.86 24.45 0.37
N GLY B 198 -13.55 23.38 -0.35
CA GLY B 198 -13.70 22.03 0.12
C GLY B 198 -15.00 21.67 0.80
N PRO B 199 -16.13 22.03 0.19
CA PRO B 199 -17.42 21.66 0.80
C PRO B 199 -17.60 20.17 1.05
N GLN B 200 -16.90 19.32 0.30
CA GLN B 200 -17.03 17.88 0.44
C GLN B 200 -15.96 17.29 1.37
N ARG B 201 -15.23 18.11 2.13
CA ARG B 201 -14.17 17.57 2.96
C ARG B 201 -14.64 17.49 4.40
N LEU B 202 -14.09 18.25 5.36
CA LEU B 202 -14.54 18.12 6.75
C LEU B 202 -16.07 18.28 6.87
N LYS B 203 -16.65 19.23 6.12
CA LYS B 203 -18.07 19.54 6.12
C LYS B 203 -18.90 18.57 5.28
N GLY B 204 -18.27 17.63 4.58
CA GLY B 204 -18.97 16.90 3.54
C GLY B 204 -20.08 16.00 4.06
N LEU B 205 -19.89 15.38 5.23
CA LEU B 205 -20.94 14.51 5.76
C LEU B 205 -21.47 14.99 7.11
N LEU B 206 -21.27 16.30 7.46
CA LEU B 206 -21.89 16.87 8.66
C LEU B 206 -23.21 17.53 8.29
N PRO B 207 -24.14 17.63 9.25
CA PRO B 207 -25.43 18.29 8.96
C PRO B 207 -25.22 19.70 8.45
N ALA B 208 -26.04 20.10 7.45
CA ALA B 208 -25.99 21.45 6.90
C ALA B 208 -26.13 22.49 8.01
N GLY B 209 -25.29 23.52 7.97
CA GLY B 209 -25.31 24.53 8.98
C GLY B 209 -24.38 24.30 10.16
N THR B 210 -23.71 23.14 10.22
CA THR B 210 -22.69 22.94 11.24
C THR B 210 -21.54 23.92 11.04
N ILE B 211 -21.14 24.61 12.10
CA ILE B 211 -20.09 25.62 11.98
C ILE B 211 -18.74 24.92 11.96
N VAL B 212 -17.98 25.11 10.87
CA VAL B 212 -16.66 24.51 10.75
C VAL B 212 -15.70 25.59 10.27
N ALA B 213 -14.71 25.93 11.10
CA ALA B 213 -13.63 26.82 10.72
C ALA B 213 -12.47 25.96 10.23
N HIS B 214 -12.09 26.09 8.97
CA HIS B 214 -11.15 25.13 8.40
C HIS B 214 -10.37 25.77 7.26
N LYS B 215 -9.20 25.17 6.99
CA LYS B 215 -8.34 25.55 5.89
C LYS B 215 -8.07 24.30 5.05
N THR B 216 -8.32 24.40 3.76
CA THR B 216 -8.08 23.31 2.83
C THR B 216 -6.67 23.38 2.26
N GLY B 217 -6.31 22.31 1.55
CA GLY B 217 -5.09 22.32 0.76
C GLY B 217 -5.15 21.23 -0.30
N THR B 218 -4.63 21.50 -1.49
CA THR B 218 -4.65 20.48 -2.53
C THR B 218 -3.45 20.66 -3.45
N SER B 219 -2.77 19.55 -3.75
CA SER B 219 -1.74 19.59 -4.78
C SER B 219 -2.40 19.33 -6.13
N GLY B 220 -1.61 19.38 -7.20
CA GLY B 220 -2.11 18.95 -8.48
C GLY B 220 -2.14 17.44 -8.60
N VAL B 221 -2.68 16.99 -9.72
CA VAL B 221 -2.67 15.58 -10.06
C VAL B 221 -1.50 15.36 -10.99
N ARG B 222 -0.77 14.28 -10.79
CA ARG B 222 0.40 14.00 -11.60
C ARG B 222 0.55 12.50 -11.74
N ALA B 223 0.47 12.01 -12.99
CA ALA B 223 0.64 10.60 -13.28
C ALA B 223 -0.38 9.77 -12.50
N GLY B 224 -1.62 10.25 -12.47
CA GLY B 224 -2.67 9.56 -11.75
C GLY B 224 -2.45 9.49 -10.25
N LYS B 225 -1.71 10.44 -9.67
CA LYS B 225 -1.53 10.49 -8.23
C LYS B 225 -1.71 11.92 -7.75
N THR B 226 -2.31 12.08 -6.56
CA THR B 226 -2.44 13.37 -5.90
C THR B 226 -1.58 13.33 -4.66
N ALA B 227 -0.57 14.18 -4.62
CA ALA B 227 0.37 14.17 -3.52
C ALA B 227 -0.30 14.57 -2.18
N ALA B 228 -1.25 15.51 -2.21
CA ALA B 228 -1.84 16.01 -0.98
C ALA B 228 -3.27 16.44 -1.22
N THR B 229 -4.18 15.90 -0.40
CA THR B 229 -5.58 16.36 -0.32
C THR B 229 -5.94 16.53 1.16
N ASN B 230 -5.98 17.80 1.63
CA ASN B 230 -5.98 18.16 3.04
C ASN B 230 -7.20 18.99 3.46
N ASP B 231 -7.53 18.89 4.75
CA ASP B 231 -8.49 19.81 5.34
C ASP B 231 -8.35 19.77 6.84
N ALA B 232 -8.24 20.95 7.45
CA ALA B 232 -7.93 21.02 8.86
C ALA B 232 -8.79 22.09 9.49
N GLY B 233 -9.50 21.74 10.55
CA GLY B 233 -10.43 22.74 11.03
C GLY B 233 -10.98 22.45 12.40
N VAL B 234 -11.87 23.36 12.80
CA VAL B 234 -12.57 23.36 14.09
C VAL B 234 -14.05 23.13 13.80
N ILE B 235 -14.59 22.04 14.29
CA ILE B 235 -16.01 21.76 14.20
C ILE B 235 -16.64 22.20 15.53
N MET B 236 -17.53 23.19 15.50
CA MET B 236 -18.21 23.66 16.70
CA MET B 236 -18.17 23.62 16.73
C MET B 236 -19.33 22.68 17.03
N LEU B 237 -19.20 21.98 18.15
CA LEU B 237 -20.20 21.02 18.56
C LEU B 237 -21.41 21.74 19.14
N PRO B 238 -22.53 21.03 19.32
CA PRO B 238 -23.80 21.71 19.68
C PRO B 238 -23.77 22.47 21.00
N ASP B 239 -22.87 22.13 21.91
CA ASP B 239 -22.70 22.82 23.17
C ASP B 239 -21.72 24.00 23.11
N GLY B 240 -21.28 24.43 21.92
CA GLY B 240 -20.31 25.50 21.82
C GLY B 240 -18.86 25.09 22.00
N ARG B 241 -18.60 23.82 22.23
CA ARG B 241 -17.22 23.42 22.43
C ARG B 241 -16.55 22.97 21.11
N PRO B 242 -15.22 23.06 21.02
CA PRO B 242 -14.52 22.75 19.77
C PRO B 242 -14.11 21.29 19.61
N LEU B 243 -14.24 20.80 18.38
CA LEU B 243 -13.72 19.49 17.97
C LEU B 243 -12.71 19.71 16.87
N LEU B 244 -11.44 19.41 17.15
CA LEU B 244 -10.38 19.62 16.17
C LEU B 244 -10.22 18.37 15.31
N VAL B 245 -10.30 18.55 13.99
CA VAL B 245 -10.14 17.46 13.06
C VAL B 245 -9.26 17.95 11.92
N ALA B 246 -8.19 17.22 11.65
CA ALA B 246 -7.33 17.45 10.51
C ALA B 246 -7.15 16.12 9.77
N VAL B 247 -7.30 16.15 8.44
CA VAL B 247 -7.08 14.96 7.62
C VAL B 247 -6.23 15.36 6.41
N PHE B 248 -5.10 14.65 6.22
CA PHE B 248 -4.17 14.89 5.14
C PHE B 248 -4.00 13.59 4.39
N VAL B 249 -4.48 13.57 3.15
CA VAL B 249 -4.37 12.38 2.30
C VAL B 249 -3.16 12.61 1.43
N LYS B 250 -2.11 11.85 1.71
CA LYS B 250 -0.81 12.00 1.08
C LYS B 250 -0.55 10.88 0.08
N ASP B 251 -0.04 11.27 -1.10
CA ASP B 251 0.42 10.39 -2.17
C ASP B 251 -0.62 9.32 -2.49
N SER B 252 -1.73 9.81 -3.01
CA SER B 252 -2.90 8.98 -3.23
C SER B 252 -3.03 8.60 -4.69
N ALA B 253 -3.31 7.33 -4.92
CA ALA B 253 -3.75 6.84 -6.21
C ALA B 253 -5.26 6.67 -6.27
N GLU B 254 -5.99 7.12 -5.25
CA GLU B 254 -7.45 7.07 -5.29
C GLU B 254 -8.00 8.27 -6.06
N SER B 255 -9.29 8.19 -6.39
CA SER B 255 -9.97 9.27 -7.09
C SER B 255 -10.11 10.46 -6.17
N GLU B 256 -10.33 11.63 -6.78
CA GLU B 256 -10.56 12.83 -5.98
C GLU B 256 -11.79 12.67 -5.12
N ARG B 257 -12.79 12.01 -5.67
CA ARG B 257 -13.99 11.78 -4.90
C ARG B 257 -13.70 10.89 -3.70
N THR B 258 -12.77 9.94 -3.83
CA THR B 258 -12.40 9.09 -2.70
C THR B 258 -11.53 9.82 -1.69
N ASN B 259 -10.60 10.65 -2.16
CA ASN B 259 -9.80 11.47 -1.25
C ASN B 259 -10.71 12.35 -0.38
N GLU B 260 -11.73 12.96 -0.97
CA GLU B 260 -12.56 13.85 -0.18
C GLU B 260 -13.44 13.08 0.77
N ALA B 261 -13.94 11.91 0.34
CA ALA B 261 -14.79 11.08 1.18
C ALA B 261 -14.02 10.53 2.39
N ILE B 262 -12.72 10.31 2.25
CA ILE B 262 -11.93 9.88 3.40
C ILE B 262 -11.92 10.98 4.45
N ILE B 263 -11.75 12.24 4.02
CA ILE B 263 -11.81 13.36 4.96
C ILE B 263 -13.21 13.46 5.58
N ALA B 264 -14.23 13.44 4.73
CA ALA B 264 -15.59 13.61 5.20
C ALA B 264 -15.96 12.52 6.19
N GLN B 265 -15.54 11.28 5.94
CA GLN B 265 -15.90 10.18 6.82
C GLN B 265 -15.20 10.28 8.19
N VAL B 266 -13.95 10.72 8.21
CA VAL B 266 -13.28 10.85 9.49
C VAL B 266 -13.96 11.95 10.31
N ALA B 267 -14.25 13.08 9.66
CA ALA B 267 -14.96 14.19 10.31
C ALA B 267 -16.30 13.72 10.84
N GLN B 268 -17.02 12.95 10.04
CA GLN B 268 -18.31 12.44 10.49
C GLN B 268 -18.13 11.52 11.69
N ALA B 269 -17.15 10.60 11.65
CA ALA B 269 -17.00 9.65 12.74
C ALA B 269 -16.62 10.34 14.05
N ALA B 270 -15.71 11.32 13.98
CA ALA B 270 -15.35 12.08 15.16
C ALA B 270 -16.53 12.90 15.66
N TYR B 271 -17.31 13.49 14.75
CA TYR B 271 -18.44 14.31 15.16
C TYR B 271 -19.49 13.45 15.85
N GLN B 272 -19.90 12.34 15.21
CA GLN B 272 -20.92 11.51 15.80
C GLN B 272 -20.44 10.83 17.09
N PHE B 273 -19.14 10.54 17.20
CA PHE B 273 -18.59 10.10 18.48
C PHE B 273 -18.82 11.16 19.56
N GLU B 274 -18.52 12.43 19.25
CA GLU B 274 -18.69 13.48 20.25
C GLU B 274 -20.17 13.74 20.55
N LEU B 275 -21.05 13.60 19.56
CA LEU B 275 -22.46 13.82 19.84
C LEU B 275 -22.97 12.76 20.83
N LYS B 276 -22.49 11.53 20.70
CA LYS B 276 -22.90 10.47 21.62
C LYS B 276 -22.44 10.79 23.04
N LYS B 277 -21.23 11.30 23.19
CA LYS B 277 -20.80 11.78 24.50
C LYS B 277 -21.77 12.80 25.05
N LEU B 278 -22.16 13.79 24.24
CA LEU B 278 -23.05 14.84 24.73
C LEU B 278 -24.36 14.29 25.26
N SER B 279 -24.70 13.05 24.92
CA SER B 279 -25.90 12.49 25.52
C SER B 279 -25.64 11.86 26.89
N ALA B 280 -24.37 11.78 27.33
CA ALA B 280 -23.98 10.89 28.42
C ALA B 280 -23.05 11.54 29.45
N VAL B 281 -22.82 12.85 29.39
CA VAL B 281 -21.78 13.48 30.19
C VAL B 281 -22.32 14.00 31.53
N SER B 282 -21.42 14.03 32.53
CA SER B 282 -21.60 14.68 33.84
C SER B 282 -21.65 16.23 33.81
N SER C 1 10.54 -48.63 -7.06
CA SER C 1 9.18 -48.14 -7.27
C SER C 1 9.21 -46.72 -7.86
N ALA C 2 8.14 -46.35 -8.57
CA ALA C 2 8.07 -45.08 -9.29
C ALA C 2 6.76 -44.37 -8.95
N GLN C 3 6.16 -43.64 -9.91
CA GLN C 3 4.81 -43.12 -9.74
C GLN C 3 3.96 -44.29 -9.23
N SER C 4 3.81 -44.39 -7.95
CA SER C 4 3.29 -45.73 -7.69
C SER C 4 1.80 -45.59 -7.31
N PRO C 5 1.33 -45.72 -6.03
CA PRO C 5 -0.08 -45.47 -5.87
C PRO C 5 -0.38 -44.34 -4.93
N LEU C 6 -0.07 -44.53 -3.67
CA LEU C 6 -0.49 -43.52 -2.74
C LEU C 6 0.14 -42.16 -3.01
N LEU C 7 1.28 -42.08 -3.70
CA LEU C 7 1.79 -40.77 -4.06
C LEU C 7 0.76 -40.09 -4.95
N LYS C 8 0.12 -40.87 -5.83
CA LYS C 8 -0.83 -40.31 -6.77
C LYS C 8 -2.05 -39.74 -6.08
N GLU C 9 -2.48 -40.30 -4.96
CA GLU C 9 -3.59 -39.59 -4.37
C GLU C 9 -3.25 -39.05 -2.96
N GLN C 10 -1.95 -38.98 -2.62
CA GLN C 10 -1.54 -37.87 -1.76
C GLN C 10 -1.71 -36.56 -2.53
N ILE C 11 -1.30 -36.57 -3.80
CA ILE C 11 -1.43 -35.40 -4.63
C ILE C 11 -2.89 -35.03 -4.87
N GLU C 12 -3.76 -35.99 -5.12
CA GLU C 12 -5.11 -35.48 -5.29
C GLU C 12 -5.81 -35.17 -3.96
N THR C 13 -5.38 -35.67 -2.78
CA THR C 13 -5.99 -34.96 -1.63
C THR C 13 -5.40 -33.55 -1.45
N ILE C 14 -4.21 -33.26 -1.97
CA ILE C 14 -3.66 -31.90 -1.86
C ILE C 14 -4.43 -30.93 -2.73
N VAL C 15 -4.92 -31.40 -3.88
CA VAL C 15 -5.55 -30.50 -4.85
C VAL C 15 -7.08 -30.59 -4.86
N THR C 16 -7.68 -31.69 -4.38
CA THR C 16 -9.13 -31.87 -4.51
C THR C 16 -9.88 -30.74 -3.79
N GLY C 17 -10.86 -30.15 -4.48
CA GLY C 17 -11.62 -29.06 -3.91
C GLY C 17 -10.89 -27.74 -3.89
N LYS C 18 -9.66 -27.66 -4.37
CA LYS C 18 -8.98 -26.37 -4.42
C LYS C 18 -9.39 -25.64 -5.71
N LYS C 19 -9.72 -24.35 -5.62
CA LYS C 19 -10.27 -23.70 -6.80
C LYS C 19 -9.13 -23.08 -7.62
N ALA C 20 -8.44 -24.02 -8.24
CA ALA C 20 -7.29 -23.76 -9.07
C ALA C 20 -7.11 -25.02 -9.89
N THR C 21 -6.37 -24.87 -10.99
CA THR C 21 -5.97 -25.96 -11.86
C THR C 21 -4.49 -26.19 -11.65
N VAL C 22 -4.14 -27.36 -11.12
CA VAL C 22 -2.80 -27.64 -10.65
C VAL C 22 -2.14 -28.61 -11.61
N GLY C 23 -1.03 -28.18 -12.22
CA GLY C 23 -0.15 -29.06 -12.97
C GLY C 23 0.97 -29.57 -12.07
N VAL C 24 1.29 -30.85 -12.22
CA VAL C 24 2.29 -31.49 -11.37
C VAL C 24 3.17 -32.37 -12.23
N ALA C 25 4.48 -32.24 -12.08
CA ALA C 25 5.43 -33.16 -12.67
C ALA C 25 6.37 -33.61 -11.58
N VAL C 26 6.47 -34.92 -11.41
CA VAL C 26 7.35 -35.54 -10.43
C VAL C 26 8.18 -36.57 -11.16
N TRP C 27 9.49 -36.37 -11.20
CA TRP C 27 10.41 -37.27 -11.91
C TRP C 27 11.55 -37.66 -10.98
N GLY C 28 11.41 -38.79 -10.31
CA GLY C 28 12.44 -39.32 -9.44
C GLY C 28 13.53 -40.08 -10.19
N PRO C 29 14.64 -40.33 -9.48
CA PRO C 29 15.84 -40.89 -10.13
C PRO C 29 15.71 -42.35 -10.54
N ASP C 30 14.62 -43.03 -10.14
CA ASP C 30 14.30 -44.39 -10.56
C ASP C 30 13.10 -44.45 -11.49
N ASP C 31 12.53 -43.31 -11.87
CA ASP C 31 11.34 -43.29 -12.71
C ASP C 31 11.77 -43.24 -14.16
N LEU C 32 11.22 -44.15 -14.96
CA LEU C 32 11.41 -44.06 -16.41
C LEU C 32 10.61 -42.90 -16.98
N GLU C 33 9.49 -42.57 -16.34
CA GLU C 33 8.63 -41.47 -16.79
C GLU C 33 8.20 -40.59 -15.63
N PRO C 34 7.93 -39.31 -15.90
CA PRO C 34 7.38 -38.44 -14.85
C PRO C 34 5.96 -38.80 -14.48
N LEU C 35 5.64 -38.69 -13.18
CA LEU C 35 4.26 -38.64 -12.75
C LEU C 35 3.71 -37.26 -13.11
N LEU C 36 2.56 -37.23 -13.75
CA LEU C 36 1.97 -35.99 -14.20
C LEU C 36 0.55 -35.89 -13.69
N LEU C 37 0.12 -34.66 -13.41
CA LEU C 37 -1.28 -34.37 -13.10
C LEU C 37 -1.67 -33.21 -14.00
N ASN C 38 -2.85 -33.30 -14.59
CA ASN C 38 -3.26 -32.39 -15.66
C ASN C 38 -2.24 -32.30 -16.81
N PRO C 39 -1.89 -33.43 -17.43
CA PRO C 39 -0.89 -33.36 -18.51
C PRO C 39 -1.37 -32.64 -19.75
N PHE C 40 -2.67 -32.34 -19.88
CA PHE C 40 -3.18 -31.72 -21.11
C PHE C 40 -3.46 -30.22 -20.96
N GLU C 41 -3.19 -29.64 -19.81
CA GLU C 41 -3.39 -28.21 -19.66
C GLU C 41 -2.15 -27.46 -20.08
N LYS C 42 -2.37 -26.22 -20.46
CA LYS C 42 -1.37 -25.25 -20.85
C LYS C 42 -1.16 -24.27 -19.71
N PHE C 43 -0.02 -24.39 -19.02
CA PHE C 43 0.15 -23.59 -17.81
C PHE C 43 0.95 -22.36 -18.13
N PRO C 44 0.46 -21.17 -17.80
CA PRO C 44 1.26 -19.95 -18.02
C PRO C 44 2.50 -20.00 -17.15
N MET C 45 3.65 -19.69 -17.76
CA MET C 45 4.94 -19.91 -17.10
C MET C 45 5.38 -18.75 -16.24
N GLN C 46 5.02 -17.53 -16.62
CA GLN C 46 5.55 -16.34 -15.98
C GLN C 46 7.07 -16.42 -15.81
N SER C 47 7.59 -16.02 -14.65
CA SER C 47 9.03 -15.91 -14.48
C SER C 47 9.77 -17.23 -14.68
N VAL C 48 9.06 -18.36 -14.77
CA VAL C 48 9.77 -19.64 -14.93
C VAL C 48 10.57 -19.68 -16.23
N PHE C 49 10.13 -18.96 -17.27
CA PHE C 49 10.85 -19.10 -18.52
C PHE C 49 12.20 -18.42 -18.47
N LYS C 50 12.51 -17.68 -17.40
CA LYS C 50 13.85 -17.15 -17.20
C LYS C 50 14.87 -18.26 -17.02
N LEU C 51 14.43 -19.47 -16.67
CA LEU C 51 15.32 -20.62 -16.71
C LEU C 51 15.64 -21.00 -18.16
N HIS C 52 14.61 -21.20 -18.97
CA HIS C 52 14.78 -21.46 -20.40
C HIS C 52 15.66 -20.38 -21.04
N LEU C 53 15.38 -19.11 -20.73
CA LEU C 53 16.15 -18.01 -21.29
C LEU C 53 17.60 -18.10 -20.85
N ALA C 54 17.84 -18.33 -19.56
CA ALA C 54 19.21 -18.43 -19.08
C ALA C 54 19.98 -19.53 -19.79
N MET C 55 19.31 -20.66 -20.05
CA MET C 55 19.96 -21.75 -20.78
C MET C 55 20.33 -21.31 -22.19
N LEU C 56 19.49 -20.46 -22.81
CA LEU C 56 19.80 -19.95 -24.15
C LEU C 56 20.88 -18.88 -24.13
N VAL C 57 20.86 -17.96 -23.16
CA VAL C 57 21.94 -17.00 -23.08
C VAL C 57 23.26 -17.71 -22.84
N LEU C 58 23.25 -18.68 -21.93
CA LEU C 58 24.48 -19.40 -21.66
C LEU C 58 24.85 -20.34 -22.79
N HIS C 59 23.91 -20.76 -23.61
CA HIS C 59 24.34 -21.58 -24.73
C HIS C 59 25.01 -20.74 -25.81
N GLN C 60 24.56 -19.50 -25.98
CA GLN C 60 25.18 -18.58 -26.93
C GLN C 60 26.53 -18.05 -26.42
N VAL C 61 26.70 -17.95 -25.10
CA VAL C 61 28.03 -17.67 -24.55
C VAL C 61 28.99 -18.77 -24.92
N ASP C 62 28.55 -20.02 -24.75
CA ASP C 62 29.40 -21.17 -25.06
C ASP C 62 29.75 -21.24 -26.54
N GLN C 63 28.93 -20.66 -27.41
CA GLN C 63 29.23 -20.68 -28.83
C GLN C 63 30.10 -19.51 -29.26
N GLY C 64 30.38 -18.58 -28.36
CA GLY C 64 31.15 -17.40 -28.66
C GLY C 64 30.31 -16.21 -29.10
N LYS C 65 28.99 -16.40 -29.26
CA LYS C 65 28.14 -15.33 -29.76
C LYS C 65 27.94 -14.23 -28.71
N LEU C 66 28.06 -14.57 -27.42
CA LEU C 66 27.99 -13.60 -26.34
C LEU C 66 29.17 -13.84 -25.41
N ASP C 67 29.34 -12.96 -24.43
CA ASP C 67 30.40 -13.15 -23.44
C ASP C 67 29.92 -12.74 -22.05
N LEU C 68 30.36 -13.47 -21.03
CA LEU C 68 29.88 -13.16 -19.69
C LEU C 68 30.35 -11.79 -19.20
N ASN C 69 31.40 -11.23 -19.82
CA ASN C 69 31.90 -9.90 -19.49
C ASN C 69 31.42 -8.84 -20.48
N GLN C 70 30.46 -9.19 -21.32
CA GLN C 70 29.99 -8.23 -22.31
C GLN C 70 29.07 -7.26 -21.60
N SER C 71 29.34 -5.96 -21.76
CA SER C 71 28.59 -4.97 -21.00
C SER C 71 27.40 -4.48 -21.79
N VAL C 72 26.38 -4.05 -21.07
CA VAL C 72 25.16 -3.49 -21.66
C VAL C 72 24.77 -2.25 -20.88
N THR C 73 24.38 -1.21 -21.59
CA THR C 73 24.04 0.05 -20.95
C THR C 73 22.56 0.01 -20.60
N VAL C 74 22.26 0.37 -19.36
CA VAL C 74 20.92 0.27 -18.81
C VAL C 74 20.44 1.70 -18.52
N ASN C 75 19.37 2.09 -19.17
CA ASN C 75 18.84 3.43 -19.04
C ASN C 75 17.50 3.38 -18.33
N ARG C 76 17.40 4.12 -17.22
CA ARG C 76 16.25 3.94 -16.35
C ARG C 76 14.94 4.34 -17.02
N ALA C 77 14.95 5.44 -17.78
CA ALA C 77 13.74 5.90 -18.46
C ALA C 77 13.36 4.99 -19.62
N ALA C 78 14.33 4.28 -20.21
CA ALA C 78 14.12 3.51 -21.43
C ALA C 78 13.48 2.14 -21.18
N VAL C 79 13.99 1.38 -20.19
CA VAL C 79 13.54 0.03 -19.88
C VAL C 79 12.08 -0.05 -19.45
N LEU C 80 11.60 -1.27 -19.23
CA LEU C 80 10.24 -1.48 -18.75
C LEU C 80 10.00 -0.72 -17.45
N GLN C 81 8.92 0.03 -17.40
CA GLN C 81 8.54 0.81 -16.25
C GLN C 81 7.54 0.04 -15.38
N ASN C 82 7.48 0.42 -14.11
CA ASN C 82 6.57 -0.16 -13.12
C ASN C 82 6.57 -1.70 -13.18
N THR C 83 7.72 -2.27 -12.86
CA THR C 83 7.86 -3.73 -12.88
C THR C 83 8.86 -4.11 -11.81
N TRP C 84 8.93 -5.41 -11.54
CA TRP C 84 9.86 -5.92 -10.56
C TRP C 84 11.25 -5.95 -11.16
N SER C 85 12.17 -5.22 -10.55
CA SER C 85 13.55 -5.17 -11.00
C SER C 85 14.44 -4.75 -9.83
N PRO C 86 15.05 -5.71 -9.13
CA PRO C 86 16.07 -5.33 -8.14
C PRO C 86 17.26 -4.61 -8.74
N MET C 87 17.48 -4.72 -10.05
CA MET C 87 18.61 -4.02 -10.67
C MET C 87 18.37 -2.51 -10.68
N MET C 88 17.12 -2.08 -10.87
CA MET C 88 16.85 -0.65 -10.94
C MET C 88 16.80 0.02 -9.57
N LYS C 89 16.63 -0.74 -8.47
CA LYS C 89 16.81 -0.20 -7.12
C LYS C 89 18.23 -0.34 -6.61
N ASP C 90 18.98 -1.32 -7.12
CA ASP C 90 20.40 -1.45 -6.77
C ASP C 90 21.19 -0.21 -7.15
N HIS C 91 20.78 0.48 -8.20
CA HIS C 91 21.52 1.61 -8.73
C HIS C 91 20.75 2.92 -8.55
N GLN C 92 21.51 3.99 -8.39
CA GLN C 92 21.07 5.37 -8.57
C GLN C 92 21.48 5.85 -9.96
N GLY C 93 20.83 6.92 -10.42
CA GLY C 93 21.31 7.44 -11.68
C GLY C 93 20.35 7.16 -12.84
N ASP C 94 20.52 7.96 -13.89
CA ASP C 94 19.67 7.84 -15.07
C ASP C 94 20.12 6.70 -15.99
N GLU C 95 21.42 6.38 -15.99
CA GLU C 95 22.00 5.36 -16.84
C GLU C 95 23.23 4.74 -16.18
N PHE C 96 23.38 3.43 -16.37
CA PHE C 96 24.50 2.64 -15.85
C PHE C 96 24.68 1.43 -16.75
N THR C 97 25.83 0.76 -16.63
CA THR C 97 26.16 -0.42 -17.43
C THR C 97 26.24 -1.68 -16.55
N VAL C 98 25.63 -2.77 -17.02
CA VAL C 98 25.72 -4.09 -16.37
C VAL C 98 26.28 -5.12 -17.35
N ALA C 99 27.08 -6.05 -16.83
CA ALA C 99 27.52 -7.19 -17.64
C ALA C 99 26.41 -8.23 -17.69
N VAL C 100 26.33 -8.98 -18.80
CA VAL C 100 25.31 -10.01 -18.97
C VAL C 100 25.34 -11.05 -17.85
N GLN C 101 26.54 -11.46 -17.40
CA GLN C 101 26.61 -12.42 -16.31
C GLN C 101 25.74 -11.95 -15.15
N GLN C 102 25.81 -10.66 -14.84
CA GLN C 102 25.03 -10.12 -13.75
C GLN C 102 23.56 -9.95 -14.14
N LEU C 103 23.29 -9.72 -15.43
CA LEU C 103 21.93 -9.75 -15.92
C LEU C 103 21.32 -11.14 -15.69
N LEU C 104 22.08 -12.17 -16.05
CA LEU C 104 21.62 -13.55 -15.84
C LEU C 104 21.32 -13.80 -14.36
N GLN C 105 22.25 -13.43 -13.49
CA GLN C 105 22.01 -13.67 -12.08
C GLN C 105 20.81 -12.85 -11.60
N TYR C 106 20.65 -11.62 -12.11
CA TYR C 106 19.46 -10.85 -11.78
C TYR C 106 18.20 -11.56 -12.30
N SER C 107 18.25 -12.08 -13.52
CA SER C 107 17.07 -12.70 -14.08
C SER C 107 16.77 -14.04 -13.42
N VAL C 108 17.80 -14.87 -13.21
CA VAL C 108 17.58 -16.20 -12.67
C VAL C 108 17.36 -16.16 -11.16
N SER C 109 18.31 -15.58 -10.41
CA SER C 109 18.23 -15.64 -8.94
C SER C 109 17.22 -14.64 -8.38
N HIS C 110 17.15 -13.43 -8.95
CA HIS C 110 16.29 -12.39 -8.40
C HIS C 110 15.02 -12.16 -9.23
N SER C 111 14.83 -12.95 -10.29
CA SER C 111 13.62 -12.92 -11.11
C SER C 111 13.37 -11.52 -11.67
N ASP C 112 14.44 -10.84 -12.07
CA ASP C 112 14.38 -9.44 -12.42
C ASP C 112 13.83 -9.34 -13.85
N ASN C 113 12.79 -8.53 -14.03
CA ASN C 113 12.11 -8.51 -15.32
C ASN C 113 12.86 -7.65 -16.33
N VAL C 114 13.47 -6.56 -15.88
CA VAL C 114 14.24 -5.69 -16.78
C VAL C 114 15.48 -6.42 -17.29
N ALA C 115 16.26 -7.00 -16.39
CA ALA C 115 17.41 -7.79 -16.82
C ALA C 115 16.99 -8.88 -17.80
N CYS C 116 15.86 -9.54 -17.54
CA CYS C 116 15.34 -10.58 -18.44
C CYS C 116 15.07 -10.04 -19.84
N ASP C 117 14.36 -8.91 -19.94
CA ASP C 117 13.99 -8.34 -21.23
C ASP C 117 15.20 -7.85 -22.02
N LEU C 118 16.24 -7.39 -21.33
CA LEU C 118 17.47 -7.04 -22.04
C LEU C 118 18.15 -8.28 -22.61
N LEU C 119 18.22 -9.36 -21.84
CA LEU C 119 18.82 -10.58 -22.39
C LEU C 119 18.01 -11.08 -23.56
N PHE C 120 16.69 -10.85 -23.54
CA PHE C 120 15.86 -11.20 -24.67
C PHE C 120 16.34 -10.48 -25.94
N GLU C 121 16.67 -9.18 -25.81
CA GLU C 121 17.17 -8.41 -26.95
C GLU C 121 18.45 -9.00 -27.49
N LEU C 122 19.36 -9.44 -26.59
CA LEU C 122 20.68 -9.91 -27.00
C LEU C 122 20.66 -11.27 -27.67
N VAL C 123 19.56 -12.00 -27.58
CA VAL C 123 19.49 -13.34 -28.17
C VAL C 123 18.51 -13.41 -29.30
N GLY C 124 17.78 -12.33 -29.58
CA GLY C 124 16.83 -12.34 -30.65
C GLY C 124 15.39 -12.53 -30.25
N GLY C 125 14.98 -12.08 -29.05
CA GLY C 125 13.59 -12.02 -28.66
C GLY C 125 12.95 -13.37 -28.39
N PRO C 126 11.66 -13.35 -28.02
CA PRO C 126 10.95 -14.61 -27.74
C PRO C 126 11.13 -15.69 -28.79
N GLN C 127 11.00 -15.32 -30.07
CA GLN C 127 11.23 -16.20 -31.22
C GLN C 127 12.42 -17.11 -30.98
N ALA C 128 13.55 -16.51 -30.63
CA ALA C 128 14.78 -17.26 -30.49
C ALA C 128 14.66 -18.30 -29.37
N LEU C 129 14.05 -17.92 -28.25
CA LEU C 129 14.01 -18.87 -27.15
C LEU C 129 13.02 -19.98 -27.45
N HIS C 130 11.94 -19.65 -28.16
CA HIS C 130 11.00 -20.67 -28.62
C HIS C 130 11.72 -21.70 -29.48
N ALA C 131 12.56 -21.24 -30.40
CA ALA C 131 13.39 -22.12 -31.21
C ALA C 131 14.37 -22.90 -30.35
N TYR C 132 14.98 -22.26 -29.35
CA TYR C 132 15.92 -22.97 -28.50
C TYR C 132 15.23 -24.10 -27.75
N ILE C 133 14.04 -23.84 -27.24
CA ILE C 133 13.28 -24.90 -26.56
C ILE C 133 12.95 -26.03 -27.54
N GLN C 134 12.48 -25.68 -28.73
CA GLN C 134 12.23 -26.73 -29.72
C GLN C 134 13.52 -27.45 -30.09
N SER C 135 14.65 -26.74 -30.10
CA SER C 135 15.92 -27.35 -30.46
C SER C 135 16.37 -28.42 -29.49
N LEU C 136 15.92 -28.38 -28.23
CA LEU C 136 16.22 -29.44 -27.29
C LEU C 136 15.24 -30.60 -27.36
N GLY C 137 14.35 -30.62 -28.36
CA GLY C 137 13.38 -31.67 -28.42
C GLY C 137 12.18 -31.54 -27.50
N VAL C 138 11.93 -30.34 -26.96
CA VAL C 138 10.75 -30.07 -26.15
C VAL C 138 9.62 -29.59 -27.07
N LYS C 139 8.56 -30.39 -27.20
CA LYS C 139 7.48 -30.00 -28.10
C LYS C 139 6.52 -29.01 -27.43
N GLU C 140 6.07 -29.34 -26.22
CA GLU C 140 4.77 -28.88 -25.74
C GLU C 140 4.93 -27.72 -24.77
N ALA C 141 5.33 -26.60 -25.36
CA ALA C 141 5.58 -25.34 -24.70
C ALA C 141 5.69 -24.29 -25.80
N ALA C 142 5.42 -23.05 -25.44
CA ALA C 142 5.47 -21.99 -26.43
C ALA C 142 5.97 -20.74 -25.73
N VAL C 143 6.72 -19.91 -26.45
CA VAL C 143 7.15 -18.63 -25.91
C VAL C 143 6.91 -17.57 -26.97
N VAL C 144 6.05 -16.62 -26.65
CA VAL C 144 5.58 -15.61 -27.60
C VAL C 144 5.84 -14.18 -27.13
N ALA C 145 6.00 -13.94 -25.83
CA ALA C 145 6.07 -12.59 -25.30
C ALA C 145 7.33 -12.43 -24.45
N ASN C 146 7.77 -11.19 -24.31
CA ASN C 146 8.76 -10.91 -23.29
C ASN C 146 8.04 -10.32 -22.05
N GLU C 147 8.79 -9.87 -21.05
CA GLU C 147 8.16 -9.37 -19.83
C GLU C 147 7.34 -8.11 -20.07
N ALA C 148 7.82 -7.22 -20.95
CA ALA C 148 7.07 -6.00 -21.26
C ALA C 148 5.74 -6.32 -21.94
N GLN C 149 5.74 -7.28 -22.88
CA GLN C 149 4.50 -7.65 -23.53
C GLN C 149 3.55 -8.33 -22.55
N MET C 150 4.07 -9.05 -21.55
CA MET C 150 3.18 -9.63 -20.55
C MET C 150 2.62 -8.58 -19.62
N HIS C 151 3.41 -7.53 -19.31
CA HIS C 151 2.93 -6.43 -18.48
C HIS C 151 1.89 -5.56 -19.17
N ALA C 152 1.85 -5.54 -20.50
CA ALA C 152 0.88 -4.72 -21.23
C ALA C 152 -0.50 -5.35 -21.28
N ASP C 153 -0.58 -6.69 -21.35
CA ASP C 153 -1.83 -7.38 -21.61
C ASP C 153 -1.90 -8.60 -20.69
N ASP C 154 -2.86 -8.57 -19.78
CA ASP C 154 -2.99 -9.61 -18.78
C ASP C 154 -3.30 -10.97 -19.39
N GLN C 155 -3.73 -11.04 -20.64
CA GLN C 155 -4.06 -12.33 -21.22
C GLN C 155 -2.92 -12.96 -22.05
N VAL C 156 -1.82 -12.24 -22.32
CA VAL C 156 -0.76 -12.84 -23.14
C VAL C 156 0.07 -13.83 -22.35
N GLN C 157 0.09 -13.74 -21.03
CA GLN C 157 0.83 -14.71 -20.23
C GLN C 157 0.39 -16.13 -20.52
N TYR C 158 -0.89 -16.33 -20.88
CA TYR C 158 -1.34 -17.69 -21.14
C TYR C 158 -0.71 -18.30 -22.38
N GLN C 159 -0.16 -17.50 -23.29
CA GLN C 159 0.46 -18.06 -24.49
C GLN C 159 1.95 -18.29 -24.31
N ASN C 160 2.55 -17.80 -23.22
CA ASN C 160 3.85 -18.31 -22.78
C ASN C 160 3.56 -19.50 -21.85
N TRP C 161 3.37 -20.66 -22.47
CA TRP C 161 2.86 -21.79 -21.73
C TRP C 161 3.82 -22.97 -21.81
N THR C 162 3.64 -23.90 -20.87
CA THR C 162 4.35 -25.16 -20.87
C THR C 162 3.35 -26.19 -20.38
N SER C 163 3.53 -27.42 -20.86
CA SER C 163 2.84 -28.53 -20.25
C SER C 163 3.73 -29.08 -19.13
N MET C 164 3.13 -29.94 -18.32
CA MET C 164 3.91 -30.52 -17.23
C MET C 164 5.03 -31.42 -17.75
N LYS C 165 4.78 -32.21 -18.80
CA LYS C 165 5.88 -33.01 -19.30
C LYS C 165 6.96 -32.12 -19.88
N ALA C 166 6.57 -31.06 -20.56
CA ALA C 166 7.60 -30.13 -21.06
C ALA C 166 8.35 -29.46 -19.91
N ALA C 167 7.68 -29.24 -18.77
CA ALA C 167 8.39 -28.68 -17.63
C ALA C 167 9.41 -29.68 -17.09
N ALA C 168 9.01 -30.95 -16.96
CA ALA C 168 9.91 -32.01 -16.52
C ALA C 168 11.11 -32.17 -17.45
N GLN C 169 10.90 -32.11 -18.78
CA GLN C 169 12.03 -32.37 -19.68
C GLN C 169 13.03 -31.21 -19.66
N VAL C 170 12.54 -29.97 -19.60
CA VAL C 170 13.48 -28.85 -19.44
C VAL C 170 14.26 -28.98 -18.14
N LEU C 171 13.59 -29.44 -17.07
CA LEU C 171 14.30 -29.71 -15.84
C LEU C 171 15.31 -30.84 -16.01
N GLN C 172 14.93 -31.87 -16.79
CA GLN C 172 15.85 -32.96 -17.09
C GLN C 172 17.04 -32.49 -17.91
N LYS C 173 16.79 -31.62 -18.89
CA LYS C 173 17.88 -31.14 -19.73
C LYS C 173 18.82 -30.21 -18.97
N PHE C 174 18.30 -29.53 -17.94
CA PHE C 174 19.11 -28.68 -17.08
C PHE C 174 19.92 -29.52 -16.10
N GLU C 175 19.26 -30.43 -15.39
CA GLU C 175 19.95 -31.21 -14.36
C GLU C 175 21.06 -32.09 -14.95
N GLN C 176 20.88 -32.59 -16.16
CA GLN C 176 21.82 -33.60 -16.65
C GLN C 176 23.13 -33.03 -17.15
N LYS C 177 23.30 -31.70 -17.18
CA LYS C 177 24.57 -31.02 -17.47
C LYS C 177 25.02 -31.11 -18.91
N LYS C 178 24.24 -31.72 -19.80
CA LYS C 178 24.72 -32.01 -21.15
C LYS C 178 24.12 -31.07 -22.20
N GLN C 179 23.92 -29.80 -21.85
CA GLN C 179 23.46 -28.78 -22.78
C GLN C 179 24.28 -27.50 -22.67
N LEU C 180 25.22 -27.45 -21.72
CA LEU C 180 26.01 -26.26 -21.44
C LEU C 180 27.41 -26.73 -21.10
N SER C 181 28.40 -25.86 -21.30
CA SER C 181 29.73 -26.17 -20.81
C SER C 181 29.74 -26.23 -19.30
N GLU C 182 30.80 -26.82 -18.77
CA GLU C 182 30.95 -26.96 -17.33
C GLU C 182 31.03 -25.61 -16.64
N THR C 183 31.64 -24.61 -17.29
CA THR C 183 31.67 -23.28 -16.71
C THR C 183 30.27 -22.67 -16.62
N SER C 184 29.45 -22.83 -17.67
CA SER C 184 28.12 -22.23 -17.68
C SER C 184 27.17 -22.99 -16.76
N GLN C 185 27.14 -24.32 -16.90
CA GLN C 185 26.34 -25.17 -16.04
C GLN C 185 26.51 -24.80 -14.56
N ALA C 186 27.75 -24.60 -14.11
CA ALA C 186 27.97 -24.35 -12.69
C ALA C 186 27.44 -22.99 -12.26
N LEU C 187 27.40 -22.01 -13.16
CA LEU C 187 26.81 -20.72 -12.80
C LEU C 187 25.30 -20.81 -12.78
N LEU C 188 24.72 -21.53 -13.76
CA LEU C 188 23.28 -21.70 -13.79
C LEU C 188 22.81 -22.44 -12.53
N TRP C 189 23.51 -23.52 -12.16
CA TRP C 189 23.20 -24.22 -10.93
C TRP C 189 23.36 -23.29 -9.72
N LYS C 190 24.46 -22.54 -9.70
CA LYS C 190 24.72 -21.59 -8.62
C LYS C 190 23.59 -20.59 -8.46
N TRP C 191 23.21 -19.90 -9.55
CA TRP C 191 22.15 -18.90 -9.48
C TRP C 191 20.83 -19.51 -9.07
N MET C 192 20.57 -20.76 -9.49
CA MET C 192 19.32 -21.39 -9.14
C MET C 192 19.26 -21.99 -7.75
N VAL C 193 20.39 -22.36 -7.14
CA VAL C 193 20.33 -22.74 -5.74
C VAL C 193 20.21 -21.50 -4.86
N GLU C 194 20.85 -20.40 -5.26
CA GLU C 194 21.05 -19.25 -4.38
C GLU C 194 19.90 -18.26 -4.40
N THR C 195 18.90 -18.47 -5.25
CA THR C 195 17.74 -17.60 -5.18
C THR C 195 17.13 -17.67 -3.80
N THR C 196 16.52 -16.56 -3.40
CA THR C 196 15.73 -16.47 -2.20
C THR C 196 14.25 -16.36 -2.51
N THR C 197 13.88 -16.49 -3.78
CA THR C 197 12.47 -16.49 -4.15
C THR C 197 11.82 -17.79 -3.70
N GLY C 198 10.49 -17.72 -3.57
CA GLY C 198 9.67 -18.85 -3.20
C GLY C 198 10.16 -19.68 -2.02
N PRO C 199 10.53 -19.07 -0.89
CA PRO C 199 10.95 -19.90 0.25
C PRO C 199 9.87 -20.87 0.72
N GLN C 200 8.58 -20.54 0.52
CA GLN C 200 7.44 -21.36 0.93
C GLN C 200 6.90 -22.26 -0.18
N ARG C 201 7.61 -22.39 -1.31
CA ARG C 201 7.09 -23.21 -2.40
C ARG C 201 7.74 -24.59 -2.39
N LEU C 202 8.55 -24.94 -3.40
CA LEU C 202 9.15 -26.28 -3.39
C LEU C 202 9.93 -26.53 -2.11
N LYS C 203 10.65 -25.53 -1.62
CA LYS C 203 11.42 -25.67 -0.39
C LYS C 203 10.53 -25.59 0.86
N GLY C 204 9.21 -25.40 0.69
CA GLY C 204 8.40 -24.91 1.80
C GLY C 204 8.26 -25.88 2.96
N LEU C 205 8.15 -27.19 2.66
CA LEU C 205 7.99 -28.23 3.68
C LEU C 205 9.10 -29.27 3.65
N LEU C 206 10.27 -28.91 3.10
CA LEU C 206 11.44 -29.77 3.09
C LEU C 206 12.37 -29.43 4.23
N PRO C 207 13.16 -30.36 4.73
CA PRO C 207 14.05 -30.02 5.84
C PRO C 207 14.97 -28.88 5.44
N ALA C 208 15.19 -27.97 6.39
CA ALA C 208 16.12 -26.87 6.19
C ALA C 208 17.45 -27.42 5.72
N GLY C 209 18.05 -26.77 4.73
CA GLY C 209 19.31 -27.23 4.19
C GLY C 209 19.18 -28.17 3.01
N THR C 210 17.97 -28.57 2.63
CA THR C 210 17.81 -29.34 1.41
C THR C 210 18.23 -28.50 0.21
N ILE C 211 19.07 -29.06 -0.64
CA ILE C 211 19.55 -28.29 -1.79
C ILE C 211 18.50 -28.34 -2.89
N VAL C 212 18.00 -27.17 -3.28
CA VAL C 212 16.98 -27.09 -4.32
C VAL C 212 17.39 -26.02 -5.33
N ALA C 213 17.63 -26.42 -6.57
CA ALA C 213 17.83 -25.48 -7.66
C ALA C 213 16.48 -25.32 -8.36
N HIS C 214 15.92 -24.11 -8.36
CA HIS C 214 14.56 -23.93 -8.82
C HIS C 214 14.36 -22.51 -9.32
N LYS C 215 13.32 -22.32 -10.15
CA LYS C 215 12.89 -21.03 -10.67
C LYS C 215 11.39 -20.89 -10.41
N THR C 216 11.01 -19.82 -9.73
CA THR C 216 9.62 -19.49 -9.40
C THR C 216 8.97 -18.63 -10.48
N GLY C 217 7.66 -18.50 -10.38
CA GLY C 217 6.94 -17.57 -11.21
C GLY C 217 5.58 -17.25 -10.64
N THR C 218 5.12 -16.00 -10.79
CA THR C 218 3.83 -15.59 -10.24
C THR C 218 3.23 -14.49 -11.09
N SER C 219 1.94 -14.61 -11.39
CA SER C 219 1.18 -13.53 -11.99
C SER C 219 0.70 -12.58 -10.91
N GLY C 220 0.08 -11.48 -11.32
CA GLY C 220 -0.62 -10.65 -10.39
C GLY C 220 -1.99 -11.23 -10.06
N VAL C 221 -2.69 -10.55 -9.16
CA VAL C 221 -4.06 -10.86 -8.79
C VAL C 221 -4.99 -9.90 -9.50
N ARG C 222 -5.99 -10.41 -10.22
CA ARG C 222 -7.11 -9.62 -10.71
C ARG C 222 -8.40 -10.20 -10.17
N ALA C 223 -9.14 -9.38 -9.41
CA ALA C 223 -10.44 -9.77 -8.88
C ALA C 223 -10.33 -11.02 -8.00
N GLY C 224 -9.33 -11.00 -7.12
CA GLY C 224 -9.08 -12.12 -6.21
C GLY C 224 -8.69 -13.42 -6.86
N LYS C 225 -8.14 -13.39 -8.08
CA LYS C 225 -7.70 -14.59 -8.78
C LYS C 225 -6.25 -14.40 -9.22
N THR C 226 -5.43 -15.44 -9.01
CA THR C 226 -4.03 -15.44 -9.45
C THR C 226 -3.87 -16.41 -10.62
N ALA C 227 -3.46 -15.88 -11.79
CA ALA C 227 -3.41 -16.72 -12.98
C ALA C 227 -2.33 -17.82 -12.86
N ALA C 228 -1.19 -17.52 -12.24
CA ALA C 228 -0.09 -18.48 -12.15
C ALA C 228 0.66 -18.32 -10.83
N THR C 229 0.83 -19.44 -10.11
CA THR C 229 1.71 -19.51 -8.95
C THR C 229 2.55 -20.77 -9.14
N ASN C 230 3.80 -20.60 -9.59
CA ASN C 230 4.64 -21.69 -10.11
C ASN C 230 5.97 -21.87 -9.38
N ASP C 231 6.50 -23.09 -9.42
CA ASP C 231 7.86 -23.36 -8.94
C ASP C 231 8.30 -24.69 -9.53
N ALA C 232 9.51 -24.71 -10.06
CA ALA C 232 10.00 -25.86 -10.82
C ALA C 232 11.46 -26.03 -10.48
N GLY C 233 11.86 -27.23 -10.08
CA GLY C 233 13.23 -27.32 -9.62
C GLY C 233 13.74 -28.73 -9.46
N VAL C 234 14.99 -28.80 -9.02
CA VAL C 234 15.72 -30.03 -8.79
C VAL C 234 15.99 -30.11 -7.29
N ILE C 235 15.48 -31.15 -6.65
CA ILE C 235 15.76 -31.40 -5.23
C ILE C 235 16.85 -32.47 -5.17
N MET C 236 17.98 -32.19 -4.48
CA MET C 236 19.00 -33.21 -4.25
C MET C 236 18.57 -34.10 -3.09
N LEU C 237 18.33 -35.39 -3.36
CA LEU C 237 18.03 -36.32 -2.29
C LEU C 237 19.28 -36.58 -1.43
N PRO C 238 19.11 -37.19 -0.25
CA PRO C 238 20.28 -37.37 0.64
C PRO C 238 21.36 -38.27 0.05
N ASP C 239 21.04 -39.14 -0.90
CA ASP C 239 22.02 -40.00 -1.54
C ASP C 239 22.71 -39.34 -2.73
N GLY C 240 22.51 -38.03 -2.95
CA GLY C 240 23.10 -37.34 -4.09
C GLY C 240 22.30 -37.43 -5.39
N ARG C 241 21.26 -38.04 -5.39
CA ARG C 241 20.56 -38.15 -6.65
C ARG C 241 19.50 -37.04 -6.81
N PRO C 242 19.18 -36.68 -8.06
CA PRO C 242 18.23 -35.58 -8.30
C PRO C 242 16.79 -36.05 -8.34
N LEU C 243 15.92 -35.23 -7.75
CA LEU C 243 14.47 -35.40 -7.81
C LEU C 243 13.89 -34.14 -8.41
N LEU C 244 13.28 -34.26 -9.58
CA LEU C 244 12.71 -33.14 -10.32
C LEU C 244 11.25 -32.95 -9.95
N VAL C 245 10.87 -31.74 -9.55
CA VAL C 245 9.48 -31.44 -9.22
C VAL C 245 9.11 -30.07 -9.76
N ALA C 246 8.03 -30.02 -10.53
CA ALA C 246 7.43 -28.76 -10.98
C ALA C 246 5.97 -28.73 -10.54
N VAL C 247 5.53 -27.58 -10.02
CA VAL C 247 4.12 -27.39 -9.67
C VAL C 247 3.71 -26.01 -10.17
N PHE C 248 2.64 -25.97 -10.96
CA PHE C 248 2.08 -24.76 -11.55
C PHE C 248 0.64 -24.68 -11.11
N VAL C 249 0.31 -23.68 -10.30
CA VAL C 249 -1.06 -23.44 -9.85
C VAL C 249 -1.66 -22.41 -10.80
N LYS C 250 -2.63 -22.84 -11.59
CA LYS C 250 -3.19 -22.03 -12.64
C LYS C 250 -4.60 -21.57 -12.27
N ASP C 251 -4.90 -20.28 -12.55
CA ASP C 251 -6.24 -19.71 -12.36
C ASP C 251 -6.81 -20.04 -10.98
N SER C 252 -6.12 -19.54 -9.97
CA SER C 252 -6.45 -19.91 -8.60
C SER C 252 -7.34 -18.85 -7.99
N ALA C 253 -8.40 -19.29 -7.34
CA ALA C 253 -9.16 -18.37 -6.54
C ALA C 253 -8.81 -18.48 -5.05
N GLU C 254 -7.85 -19.35 -4.72
CA GLU C 254 -7.37 -19.53 -3.38
C GLU C 254 -6.42 -18.41 -3.00
N SER C 255 -6.09 -18.34 -1.72
CA SER C 255 -5.13 -17.36 -1.25
C SER C 255 -3.72 -17.72 -1.68
N GLU C 256 -2.84 -16.71 -1.67
CA GLU C 256 -1.45 -16.93 -1.97
C GLU C 256 -0.83 -17.94 -1.01
N ARG C 257 -1.24 -17.91 0.25
CA ARG C 257 -0.71 -18.87 1.20
C ARG C 257 -1.09 -20.29 0.80
N THR C 258 -2.31 -20.45 0.29
CA THR C 258 -2.77 -21.76 -0.10
C THR C 258 -2.08 -22.23 -1.39
N ASN C 259 -1.91 -21.35 -2.36
CA ASN C 259 -1.26 -21.72 -3.61
C ASN C 259 0.18 -22.20 -3.37
N GLU C 260 0.93 -21.50 -2.52
CA GLU C 260 2.29 -21.92 -2.25
C GLU C 260 2.29 -23.20 -1.43
N ALA C 261 1.31 -23.36 -0.52
CA ALA C 261 1.18 -24.58 0.25
C ALA C 261 0.92 -25.79 -0.64
N ILE C 262 0.20 -25.60 -1.74
CA ILE C 262 -0.05 -26.71 -2.64
C ILE C 262 1.26 -27.18 -3.27
N ILE C 263 2.10 -26.21 -3.66
CA ILE C 263 3.43 -26.52 -4.17
C ILE C 263 4.26 -27.22 -3.09
N ALA C 264 4.27 -26.65 -1.89
CA ALA C 264 5.13 -27.16 -0.86
C ALA C 264 4.73 -28.59 -0.52
N GLN C 265 3.42 -28.88 -0.53
CA GLN C 265 2.93 -30.20 -0.15
C GLN C 265 3.23 -31.27 -1.20
N VAL C 266 3.14 -30.91 -2.48
CA VAL C 266 3.45 -31.89 -3.53
C VAL C 266 4.92 -32.29 -3.46
N ALA C 267 5.81 -31.29 -3.40
CA ALA C 267 7.23 -31.58 -3.30
C ALA C 267 7.54 -32.36 -2.03
N GLN C 268 6.90 -32.03 -0.91
CA GLN C 268 7.13 -32.81 0.30
C GLN C 268 6.73 -34.28 0.09
N ALA C 269 5.61 -34.51 -0.59
CA ALA C 269 5.13 -35.87 -0.82
C ALA C 269 6.08 -36.66 -1.72
N ALA C 270 6.55 -36.04 -2.80
CA ALA C 270 7.53 -36.69 -3.65
C ALA C 270 8.84 -36.89 -2.90
N TYR C 271 9.23 -35.91 -2.10
CA TYR C 271 10.49 -36.01 -1.37
C TYR C 271 10.48 -37.17 -0.42
N GLN C 272 9.44 -37.24 0.42
CA GLN C 272 9.38 -38.27 1.45
C GLN C 272 9.15 -39.67 0.85
N PHE C 273 8.45 -39.74 -0.29
CA PHE C 273 8.34 -41.00 -1.01
C PHE C 273 9.72 -41.56 -1.37
N GLU C 274 10.61 -40.69 -1.85
CA GLU C 274 11.98 -41.10 -2.14
C GLU C 274 12.73 -41.39 -0.85
N LEU C 275 12.49 -40.59 0.20
CA LEU C 275 13.15 -40.85 1.48
C LEU C 275 12.72 -42.18 2.09
N LYS C 276 11.47 -42.58 1.83
CA LYS C 276 10.98 -43.86 2.31
C LYS C 276 11.70 -45.03 1.63
N LYS C 277 12.01 -44.91 0.33
CA LYS C 277 12.73 -45.94 -0.39
C LYS C 277 14.14 -46.17 0.17
N LEU C 278 14.71 -45.17 0.83
CA LEU C 278 16.08 -45.25 1.32
C LEU C 278 16.13 -45.91 2.70
N SER C 279 15.11 -45.65 3.52
CA SER C 279 15.02 -46.27 4.82
C SER C 279 14.84 -47.79 4.71
N ALA C 280 14.07 -48.24 3.70
CA ALA C 280 13.84 -49.67 3.49
C ALA C 280 15.16 -50.45 3.35
N VAL C 281 16.09 -49.91 2.56
CA VAL C 281 17.42 -50.51 2.40
C VAL C 281 18.19 -50.57 3.72
N GLN D 3 -23.69 -7.91 11.70
CA GLN D 3 -24.11 -9.18 12.24
C GLN D 3 -24.86 -8.93 13.55
N SER D 4 -24.10 -8.87 14.65
CA SER D 4 -24.68 -8.68 15.96
C SER D 4 -24.26 -7.29 16.53
N PRO D 5 -22.99 -7.04 17.02
CA PRO D 5 -22.50 -5.67 17.03
C PRO D 5 -21.19 -5.23 16.35
N LEU D 6 -20.91 -3.93 16.60
CA LEU D 6 -19.88 -3.00 16.13
C LEU D 6 -20.08 -2.60 14.67
N LEU D 7 -20.59 -3.50 13.85
CA LEU D 7 -21.07 -3.07 12.55
C LEU D 7 -22.47 -2.43 12.65
N LYS D 8 -23.00 -2.28 13.86
CA LYS D 8 -24.25 -1.58 14.01
C LYS D 8 -24.05 -0.12 14.36
N GLU D 9 -22.92 0.21 14.97
CA GLU D 9 -22.69 1.59 15.36
C GLU D 9 -22.06 2.39 14.25
N GLN D 10 -21.29 1.72 13.39
CA GLN D 10 -20.83 2.36 12.17
C GLN D 10 -22.02 2.71 11.28
N ILE D 11 -22.97 1.79 11.16
CA ILE D 11 -24.12 2.03 10.30
C ILE D 11 -24.91 3.22 10.81
N GLU D 12 -25.08 3.33 12.13
CA GLU D 12 -25.76 4.51 12.66
C GLU D 12 -24.91 5.74 12.54
N THR D 13 -23.60 5.61 12.56
CA THR D 13 -22.87 6.82 12.30
C THR D 13 -23.11 7.26 10.87
N ILE D 14 -23.45 6.33 9.99
CA ILE D 14 -23.64 6.69 8.60
C ILE D 14 -25.00 7.34 8.41
N VAL D 15 -26.03 6.94 9.14
CA VAL D 15 -27.36 7.46 8.82
C VAL D 15 -27.87 8.55 9.77
N THR D 16 -27.36 8.64 11.01
CA THR D 16 -27.96 9.56 11.98
C THR D 16 -27.89 11.00 11.54
N GLY D 17 -29.03 11.71 11.65
CA GLY D 17 -29.07 13.10 11.26
C GLY D 17 -29.09 13.33 9.76
N LYS D 18 -29.06 12.28 8.96
CA LYS D 18 -29.22 12.44 7.52
C LYS D 18 -30.70 12.53 7.22
N LYS D 19 -31.05 13.49 6.38
CA LYS D 19 -32.45 13.79 6.14
C LYS D 19 -32.97 12.87 5.04
N ALA D 20 -33.15 11.62 5.43
CA ALA D 20 -33.63 10.60 4.54
C ALA D 20 -34.01 9.45 5.43
N THR D 21 -34.79 8.52 4.90
CA THR D 21 -35.07 7.28 5.60
C THR D 21 -34.30 6.17 4.87
N VAL D 22 -33.34 5.57 5.58
CA VAL D 22 -32.36 4.67 4.96
C VAL D 22 -32.69 3.24 5.31
N GLY D 23 -32.95 2.43 4.28
CA GLY D 23 -33.07 1.00 4.48
C GLY D 23 -31.73 0.31 4.26
N VAL D 24 -31.45 -0.66 5.13
CA VAL D 24 -30.20 -1.39 5.05
C VAL D 24 -30.53 -2.85 5.28
N ALA D 25 -29.97 -3.71 4.43
CA ALA D 25 -29.95 -5.15 4.64
C ALA D 25 -28.52 -5.60 4.42
N VAL D 26 -27.94 -6.32 5.38
CA VAL D 26 -26.58 -6.86 5.27
C VAL D 26 -26.62 -8.32 5.66
N TRP D 27 -26.29 -9.22 4.73
CA TRP D 27 -26.34 -10.67 5.00
C TRP D 27 -24.99 -11.30 4.67
N GLY D 28 -24.15 -11.42 5.68
CA GLY D 28 -22.84 -12.03 5.54
C GLY D 28 -22.92 -13.54 5.55
N PRO D 29 -21.82 -14.17 5.13
CA PRO D 29 -21.84 -15.63 4.91
C PRO D 29 -21.86 -16.43 6.18
N ASP D 30 -21.65 -15.84 7.35
CA ASP D 30 -21.74 -16.57 8.61
C ASP D 30 -23.00 -16.19 9.38
N ASP D 31 -23.91 -15.43 8.78
CA ASP D 31 -25.09 -14.93 9.47
C ASP D 31 -26.29 -15.85 9.24
N LEU D 32 -26.97 -16.22 10.34
CA LEU D 32 -28.28 -16.84 10.24
C LEU D 32 -29.32 -15.82 9.77
N GLU D 33 -29.13 -14.56 10.13
CA GLU D 33 -30.11 -13.53 9.79
C GLU D 33 -29.43 -12.28 9.28
N PRO D 34 -30.08 -11.55 8.38
CA PRO D 34 -29.55 -10.25 7.95
C PRO D 34 -29.66 -9.21 9.05
N LEU D 35 -28.68 -8.34 9.12
CA LEU D 35 -28.84 -7.11 9.85
C LEU D 35 -29.73 -6.19 9.02
N LEU D 36 -30.78 -5.66 9.63
CA LEU D 36 -31.73 -4.81 8.92
C LEU D 36 -31.89 -3.49 9.64
N LEU D 37 -32.12 -2.44 8.85
CA LEU D 37 -32.41 -1.11 9.36
C LEU D 37 -33.66 -0.63 8.66
N ASN D 38 -34.57 -0.02 9.41
CA ASN D 38 -35.91 0.30 8.93
C ASN D 38 -36.62 -0.91 8.28
N PRO D 39 -36.80 -2.00 9.03
CA PRO D 39 -37.46 -3.20 8.45
C PRO D 39 -38.95 -3.04 8.17
N PHE D 40 -39.61 -1.98 8.67
CA PHE D 40 -41.07 -1.82 8.49
C PHE D 40 -41.42 -0.81 7.43
N GLU D 41 -40.45 -0.24 6.75
CA GLU D 41 -40.73 0.70 5.68
C GLU D 41 -40.98 -0.01 4.37
N LYS D 42 -41.75 0.64 3.51
CA LYS D 42 -41.96 0.17 2.15
C LYS D 42 -41.14 1.07 1.25
N PHE D 43 -40.05 0.51 0.66
CA PHE D 43 -39.08 1.29 -0.10
C PHE D 43 -39.39 1.23 -1.58
N PRO D 44 -39.50 2.39 -2.23
CA PRO D 44 -39.70 2.39 -3.67
C PRO D 44 -38.49 1.79 -4.38
N MET D 45 -38.77 0.90 -5.32
CA MET D 45 -37.71 0.10 -5.94
C MET D 45 -37.05 0.78 -7.12
N GLN D 46 -37.82 1.58 -7.88
CA GLN D 46 -37.42 2.09 -9.18
C GLN D 46 -36.76 0.96 -9.96
N SER D 47 -35.67 1.24 -10.67
CA SER D 47 -35.07 0.27 -11.59
C SER D 47 -34.63 -1.02 -10.91
N VAL D 48 -34.62 -1.09 -9.58
CA VAL D 48 -34.14 -2.30 -8.89
C VAL D 48 -34.98 -3.51 -9.26
N PHE D 49 -36.27 -3.33 -9.57
CA PHE D 49 -37.08 -4.52 -9.83
C PHE D 49 -36.80 -5.13 -11.18
N LYS D 50 -35.94 -4.51 -11.99
CA LYS D 50 -35.49 -5.18 -13.21
C LYS D 50 -34.69 -6.43 -12.89
N LEU D 51 -34.14 -6.53 -11.67
CA LEU D 51 -33.62 -7.82 -11.19
C LEU D 51 -34.76 -8.82 -10.99
N HIS D 52 -35.80 -8.40 -10.28
CA HIS D 52 -36.97 -9.26 -10.12
C HIS D 52 -37.54 -9.69 -11.47
N LEU D 53 -37.76 -8.73 -12.37
CA LEU D 53 -38.28 -9.06 -13.70
C LEU D 53 -37.36 -10.04 -14.41
N ALA D 54 -36.04 -9.79 -14.35
CA ALA D 54 -35.09 -10.70 -14.94
C ALA D 54 -35.24 -12.10 -14.35
N MET D 55 -35.40 -12.20 -13.03
CA MET D 55 -35.52 -13.51 -12.41
C MET D 55 -36.75 -14.27 -12.89
N LEU D 56 -37.87 -13.59 -13.10
CA LEU D 56 -38.98 -14.39 -13.63
C LEU D 56 -38.88 -14.58 -15.16
N VAL D 57 -38.30 -13.62 -15.90
CA VAL D 57 -38.22 -13.81 -17.35
C VAL D 57 -37.44 -15.08 -17.71
N LEU D 58 -36.24 -15.26 -17.14
CA LEU D 58 -35.49 -16.44 -17.52
C LEU D 58 -35.93 -17.74 -16.81
N HIS D 59 -36.71 -17.66 -15.73
CA HIS D 59 -37.32 -18.88 -15.22
C HIS D 59 -38.42 -19.37 -16.18
N GLN D 60 -39.09 -18.45 -16.88
CA GLN D 60 -40.02 -18.87 -17.92
C GLN D 60 -39.27 -19.41 -19.13
N VAL D 61 -38.09 -18.88 -19.40
CA VAL D 61 -37.18 -19.49 -20.35
C VAL D 61 -36.81 -20.90 -19.90
N ASP D 62 -36.50 -21.08 -18.61
CA ASP D 62 -36.08 -22.39 -18.12
C ASP D 62 -37.15 -23.47 -18.30
N GLN D 63 -38.44 -23.11 -18.22
CA GLN D 63 -39.49 -24.11 -18.46
C GLN D 63 -40.00 -24.12 -19.89
N GLY D 64 -39.42 -23.33 -20.79
CA GLY D 64 -39.74 -23.42 -22.20
C GLY D 64 -40.81 -22.49 -22.70
N LYS D 65 -41.43 -21.68 -21.84
CA LYS D 65 -42.47 -20.77 -22.35
C LYS D 65 -41.87 -19.69 -23.24
N LEU D 66 -40.64 -19.24 -23.01
CA LEU D 66 -39.91 -18.48 -24.03
C LEU D 66 -38.49 -19.03 -24.06
N ASP D 67 -37.69 -18.57 -25.00
CA ASP D 67 -36.27 -18.86 -24.90
C ASP D 67 -35.49 -17.72 -25.54
N LEU D 68 -34.30 -17.49 -24.99
CA LEU D 68 -33.46 -16.32 -25.24
C LEU D 68 -33.10 -16.18 -26.70
N ASN D 69 -33.55 -17.12 -27.52
CA ASN D 69 -33.46 -17.06 -28.98
C ASN D 69 -34.84 -16.75 -29.55
N GLN D 70 -35.34 -15.55 -29.29
CA GLN D 70 -36.65 -15.19 -29.79
C GLN D 70 -36.74 -13.67 -29.96
N SER D 71 -37.23 -13.22 -31.10
CA SER D 71 -37.38 -11.79 -31.36
C SER D 71 -38.79 -11.34 -31.01
N VAL D 72 -38.91 -10.08 -30.61
CA VAL D 72 -40.22 -9.44 -30.54
C VAL D 72 -40.08 -8.03 -31.05
N THR D 73 -41.09 -7.61 -31.80
CA THR D 73 -41.09 -6.37 -32.59
C THR D 73 -41.57 -5.15 -31.86
N VAL D 74 -40.91 -4.06 -32.19
CA VAL D 74 -40.81 -2.94 -31.32
C VAL D 74 -40.68 -1.81 -32.27
N ASN D 75 -41.11 -0.63 -31.86
CA ASN D 75 -40.74 0.51 -32.68
C ASN D 75 -40.97 1.86 -32.03
N ARG D 76 -40.22 2.85 -32.55
CA ARG D 76 -39.96 4.08 -31.79
C ARG D 76 -41.25 4.86 -31.55
N ALA D 77 -42.10 5.01 -32.59
CA ALA D 77 -43.38 5.66 -32.37
C ALA D 77 -44.11 5.08 -31.16
N ALA D 78 -43.83 3.81 -30.83
CA ALA D 78 -44.46 3.17 -29.68
C ALA D 78 -43.70 3.55 -28.41
N VAL D 79 -43.43 2.55 -27.55
CA VAL D 79 -42.80 2.70 -26.23
C VAL D 79 -41.64 3.68 -26.14
N ASN D 82 -40.16 8.11 -24.90
CA ASN D 82 -39.40 9.30 -24.54
C ASN D 82 -38.81 9.17 -23.14
N THR D 83 -37.84 8.27 -23.01
CA THR D 83 -37.25 7.92 -21.73
C THR D 83 -35.79 7.57 -21.98
N TRP D 84 -35.08 7.28 -20.90
CA TRP D 84 -33.66 6.93 -21.00
C TRP D 84 -33.56 5.51 -21.56
N SER D 85 -32.89 5.35 -22.70
CA SER D 85 -32.89 4.07 -23.39
C SER D 85 -31.63 3.88 -24.24
N PRO D 86 -30.63 3.19 -23.70
CA PRO D 86 -29.49 2.81 -24.56
C PRO D 86 -29.89 1.90 -25.69
N MET D 87 -30.98 1.15 -25.57
CA MET D 87 -31.38 0.30 -26.68
C MET D 87 -31.83 1.13 -27.89
N MET D 88 -32.52 2.24 -27.64
CA MET D 88 -33.03 3.05 -28.74
C MET D 88 -31.94 3.91 -29.39
N LYS D 89 -30.97 4.40 -28.62
CA LYS D 89 -29.92 5.19 -29.24
C LYS D 89 -28.79 4.34 -29.81
N ASP D 90 -28.66 3.08 -29.38
CA ASP D 90 -27.57 2.24 -29.88
C ASP D 90 -27.71 2.01 -31.37
N HIS D 91 -28.93 1.82 -31.84
CA HIS D 91 -29.18 1.43 -33.21
C HIS D 91 -30.00 2.52 -33.89
N GLN D 92 -29.92 2.52 -35.22
CA GLN D 92 -30.97 3.13 -36.02
C GLN D 92 -31.63 2.04 -36.84
N GLY D 93 -32.78 2.38 -37.41
CA GLY D 93 -33.51 1.47 -38.25
C GLY D 93 -34.98 1.51 -37.90
N ASP D 94 -35.82 1.41 -38.93
CA ASP D 94 -37.21 1.72 -38.71
C ASP D 94 -38.04 0.59 -38.07
N GLU D 95 -37.54 -0.64 -37.98
CA GLU D 95 -38.21 -1.57 -37.07
C GLU D 95 -37.11 -2.47 -36.53
N PHE D 96 -37.10 -2.81 -35.24
CA PHE D 96 -35.98 -3.63 -34.90
C PHE D 96 -36.43 -5.04 -34.59
N THR D 97 -35.46 -5.95 -34.61
CA THR D 97 -35.64 -7.29 -34.09
C THR D 97 -34.67 -7.47 -32.93
N VAL D 98 -35.15 -7.76 -31.73
CA VAL D 98 -34.21 -8.06 -30.66
C VAL D 98 -34.55 -9.39 -30.02
N ALA D 99 -33.52 -10.17 -29.72
CA ALA D 99 -33.75 -11.38 -28.98
C ALA D 99 -33.90 -11.05 -27.49
N VAL D 100 -34.74 -11.83 -26.80
CA VAL D 100 -34.89 -11.68 -25.35
C VAL D 100 -33.57 -11.60 -24.62
N GLN D 101 -32.63 -12.45 -24.98
CA GLN D 101 -31.35 -12.41 -24.27
C GLN D 101 -30.76 -11.00 -24.31
N GLN D 102 -30.85 -10.32 -25.45
CA GLN D 102 -30.37 -8.95 -25.48
C GLN D 102 -31.33 -7.98 -24.79
N LEU D 103 -32.63 -8.30 -24.71
CA LEU D 103 -33.53 -7.48 -23.91
C LEU D 103 -33.08 -7.44 -22.46
N LEU D 104 -32.82 -8.61 -21.89
CA LEU D 104 -32.45 -8.70 -20.49
C LEU D 104 -31.18 -7.90 -20.22
N GLN D 105 -30.17 -8.05 -21.07
CA GLN D 105 -28.93 -7.33 -20.85
C GLN D 105 -29.18 -5.82 -20.90
N TYR D 106 -30.08 -5.38 -21.78
CA TYR D 106 -30.46 -3.97 -21.77
C TYR D 106 -31.20 -3.60 -20.48
N SER D 107 -32.08 -4.48 -20.00
CA SER D 107 -32.81 -4.21 -18.76
C SER D 107 -31.93 -4.33 -17.52
N VAL D 108 -31.13 -5.39 -17.43
CA VAL D 108 -30.40 -5.66 -16.21
C VAL D 108 -29.11 -4.83 -16.14
N SER D 109 -28.26 -4.94 -17.17
CA SER D 109 -26.94 -4.31 -17.16
C SER D 109 -27.03 -2.83 -17.51
N HIS D 110 -27.89 -2.49 -18.44
CA HIS D 110 -28.01 -1.10 -18.82
C HIS D 110 -29.26 -0.48 -18.25
N SER D 111 -30.03 -1.20 -17.44
CA SER D 111 -31.16 -0.61 -16.71
C SER D 111 -32.17 0.05 -17.66
N ASP D 112 -32.48 -0.59 -18.77
CA ASP D 112 -33.27 0.13 -19.77
C ASP D 112 -34.75 0.00 -19.51
N ASN D 113 -35.44 1.14 -19.58
CA ASN D 113 -36.85 1.23 -19.26
C ASN D 113 -37.73 0.75 -20.40
N VAL D 114 -37.35 1.09 -21.64
CA VAL D 114 -38.12 0.58 -22.77
C VAL D 114 -37.97 -0.93 -22.83
N ALA D 115 -36.73 -1.43 -22.81
CA ALA D 115 -36.50 -2.87 -22.84
C ALA D 115 -37.29 -3.55 -21.73
N CYS D 116 -37.22 -2.99 -20.52
CA CYS D 116 -37.93 -3.53 -19.35
C CYS D 116 -39.43 -3.69 -19.61
N ASP D 117 -40.05 -2.67 -20.22
CA ASP D 117 -41.50 -2.69 -20.43
C ASP D 117 -41.94 -3.79 -21.39
N LEU D 118 -41.11 -4.15 -22.38
CA LEU D 118 -41.49 -5.22 -23.30
C LEU D 118 -41.50 -6.57 -22.62
N LEU D 119 -40.50 -6.85 -21.79
CA LEU D 119 -40.49 -8.14 -21.10
C LEU D 119 -41.68 -8.27 -20.17
N PHE D 120 -42.14 -7.15 -19.64
CA PHE D 120 -43.38 -7.20 -18.88
C PHE D 120 -44.50 -7.72 -19.76
N GLU D 121 -44.56 -7.25 -21.01
CA GLU D 121 -45.58 -7.71 -21.95
C GLU D 121 -45.46 -9.21 -22.22
N LEU D 122 -44.24 -9.70 -22.42
CA LEU D 122 -44.07 -11.11 -22.78
C LEU D 122 -44.31 -12.04 -21.61
N VAL D 123 -44.37 -11.53 -20.38
CA VAL D 123 -44.48 -12.45 -19.25
C VAL D 123 -45.79 -12.25 -18.51
N GLY D 124 -46.59 -11.25 -18.91
CA GLY D 124 -47.85 -10.96 -18.31
C GLY D 124 -47.90 -9.77 -17.37
N GLY D 125 -47.06 -8.75 -17.58
CA GLY D 125 -47.19 -7.49 -16.86
C GLY D 125 -46.87 -7.54 -15.37
N PRO D 126 -46.96 -6.37 -14.72
CA PRO D 126 -46.70 -6.29 -13.27
C PRO D 126 -47.42 -7.34 -12.43
N GLN D 127 -48.67 -7.67 -12.77
CA GLN D 127 -49.39 -8.72 -12.05
C GLN D 127 -48.57 -10.01 -12.00
N ALA D 128 -47.87 -10.31 -13.10
CA ALA D 128 -47.25 -11.61 -13.24
C ALA D 128 -46.06 -11.75 -12.30
N LEU D 129 -45.23 -10.71 -12.26
CA LEU D 129 -44.01 -10.75 -11.47
C LEU D 129 -44.32 -10.67 -9.98
N HIS D 130 -45.35 -9.89 -9.61
CA HIS D 130 -45.80 -9.85 -8.22
C HIS D 130 -46.17 -11.25 -7.72
N ALA D 131 -46.93 -11.99 -8.52
CA ALA D 131 -47.25 -13.38 -8.17
C ALA D 131 -45.98 -14.21 -8.10
N TYR D 132 -45.07 -14.00 -9.05
CA TYR D 132 -43.83 -14.75 -9.03
C TYR D 132 -42.98 -14.41 -7.82
N ILE D 133 -42.89 -13.12 -7.49
CA ILE D 133 -42.12 -12.69 -6.31
C ILE D 133 -42.66 -13.39 -5.08
N GLN D 134 -43.98 -13.41 -4.93
CA GLN D 134 -44.62 -14.15 -3.85
C GLN D 134 -44.34 -15.63 -3.97
N SER D 135 -44.20 -16.13 -5.20
CA SER D 135 -43.97 -17.56 -5.41
C SER D 135 -42.64 -18.05 -4.82
N LEU D 136 -41.66 -17.16 -4.63
CA LEU D 136 -40.46 -17.57 -3.92
C LEU D 136 -40.61 -17.45 -2.42
N GLY D 137 -41.82 -17.17 -1.93
CA GLY D 137 -42.07 -16.98 -0.52
C GLY D 137 -41.62 -15.65 0.04
N VAL D 138 -41.26 -14.69 -0.79
CA VAL D 138 -40.90 -13.38 -0.29
C VAL D 138 -42.19 -12.56 -0.21
N LYS D 139 -42.64 -12.31 1.01
CA LYS D 139 -43.97 -11.73 1.18
C LYS D 139 -43.97 -10.21 1.12
N GLU D 140 -42.98 -9.56 1.72
CA GLU D 140 -43.06 -8.12 1.97
C GLU D 140 -42.52 -7.32 0.79
N ALA D 141 -43.25 -7.38 -0.32
CA ALA D 141 -42.93 -6.62 -1.51
C ALA D 141 -44.13 -6.62 -2.45
N ALA D 142 -44.19 -5.63 -3.34
CA ALA D 142 -45.29 -5.55 -4.29
C ALA D 142 -44.85 -4.89 -5.61
N VAL D 143 -45.44 -5.36 -6.71
CA VAL D 143 -45.27 -4.73 -8.03
C VAL D 143 -46.63 -4.60 -8.71
N VAL D 144 -47.02 -3.35 -8.98
CA VAL D 144 -48.32 -3.04 -9.54
C VAL D 144 -48.22 -2.31 -10.87
N ALA D 145 -47.10 -1.64 -11.14
CA ALA D 145 -46.94 -0.75 -12.27
C ALA D 145 -45.69 -1.12 -13.05
N ASN D 146 -45.66 -0.73 -14.32
CA ASN D 146 -44.45 -0.81 -15.10
C ASN D 146 -43.80 0.56 -15.18
N GLU D 147 -42.71 0.65 -15.95
CA GLU D 147 -41.96 1.90 -16.04
C GLU D 147 -42.76 3.01 -16.69
N ALA D 148 -43.57 2.67 -17.72
CA ALA D 148 -44.35 3.69 -18.41
C ALA D 148 -45.35 4.35 -17.45
N GLN D 149 -46.05 3.55 -16.66
CA GLN D 149 -46.98 4.13 -15.69
C GLN D 149 -46.26 4.98 -14.65
N MET D 150 -45.00 4.63 -14.34
CA MET D 150 -44.23 5.42 -13.39
C MET D 150 -43.80 6.75 -13.98
N HIS D 151 -43.50 6.78 -15.29
CA HIS D 151 -43.17 8.06 -15.93
C HIS D 151 -44.40 8.97 -15.98
N ALA D 152 -45.60 8.39 -15.91
CA ALA D 152 -46.83 9.18 -15.96
C ALA D 152 -47.19 9.82 -14.62
N ASP D 153 -46.92 9.16 -13.49
CA ASP D 153 -47.43 9.62 -12.20
C ASP D 153 -46.37 9.48 -11.12
N ASP D 154 -45.94 10.62 -10.56
CA ASP D 154 -44.84 10.69 -9.61
C ASP D 154 -45.01 9.77 -8.43
N GLN D 155 -46.23 9.48 -8.08
CA GLN D 155 -46.61 8.85 -6.85
C GLN D 155 -46.87 7.35 -7.00
N VAL D 156 -46.66 6.79 -8.22
CA VAL D 156 -46.75 5.34 -8.42
C VAL D 156 -45.53 4.59 -7.96
N GLN D 157 -44.35 5.20 -7.96
CA GLN D 157 -43.17 4.45 -7.55
C GLN D 157 -43.34 3.84 -6.17
N TYR D 158 -44.03 4.53 -5.24
CA TYR D 158 -44.16 4.03 -3.87
C TYR D 158 -45.01 2.76 -3.81
N GLN D 159 -45.74 2.42 -4.88
CA GLN D 159 -46.47 1.15 -4.92
C GLN D 159 -45.67 0.00 -5.50
N ASN D 160 -44.56 0.26 -6.21
CA ASN D 160 -43.55 -0.74 -6.55
C ASN D 160 -42.50 -0.77 -5.45
N TRP D 161 -42.80 -1.48 -4.37
CA TRP D 161 -42.01 -1.36 -3.16
C TRP D 161 -41.52 -2.72 -2.67
N THR D 162 -40.51 -2.66 -1.81
CA THR D 162 -40.00 -3.80 -1.06
C THR D 162 -39.63 -3.37 0.35
N SER D 163 -39.67 -4.30 1.28
CA SER D 163 -39.02 -4.07 2.55
C SER D 163 -37.57 -4.53 2.48
N MET D 164 -36.77 -4.14 3.47
CA MET D 164 -35.39 -4.55 3.45
C MET D 164 -35.25 -6.04 3.62
N LYS D 165 -36.14 -6.65 4.41
CA LYS D 165 -36.13 -8.11 4.53
C LYS D 165 -36.35 -8.77 3.17
N ALA D 166 -37.37 -8.33 2.43
CA ALA D 166 -37.64 -8.90 1.11
C ALA D 166 -36.50 -8.61 0.13
N ALA D 167 -35.84 -7.48 0.27
CA ALA D 167 -34.68 -7.23 -0.58
C ALA D 167 -33.57 -8.22 -0.27
N ALA D 168 -33.37 -8.54 1.01
CA ALA D 168 -32.41 -9.56 1.39
C ALA D 168 -32.74 -10.90 0.75
N GLN D 169 -34.02 -11.29 0.77
CA GLN D 169 -34.39 -12.64 0.32
C GLN D 169 -34.16 -12.82 -1.17
N VAL D 170 -34.55 -11.83 -1.98
CA VAL D 170 -34.38 -11.91 -3.42
C VAL D 170 -32.90 -11.95 -3.77
N LEU D 171 -32.08 -11.17 -3.07
CA LEU D 171 -30.64 -11.27 -3.28
C LEU D 171 -30.13 -12.64 -2.87
N GLN D 172 -30.66 -13.20 -1.78
CA GLN D 172 -30.19 -14.51 -1.38
C GLN D 172 -30.60 -15.57 -2.38
N LYS D 173 -31.82 -15.50 -2.90
CA LYS D 173 -32.27 -16.52 -3.84
C LYS D 173 -31.60 -16.37 -5.19
N PHE D 174 -31.17 -15.17 -5.54
CA PHE D 174 -30.39 -15.02 -6.75
C PHE D 174 -29.01 -15.62 -6.56
N GLU D 175 -28.34 -15.27 -5.46
CA GLU D 175 -26.97 -15.68 -5.21
C GLU D 175 -26.82 -17.19 -5.03
N GLN D 176 -27.81 -17.86 -4.44
CA GLN D 176 -27.66 -19.25 -4.08
C GLN D 176 -27.86 -20.20 -5.25
N LYS D 177 -28.21 -19.69 -6.43
CA LYS D 177 -28.21 -20.41 -7.71
C LYS D 177 -29.34 -21.42 -7.82
N LYS D 178 -30.29 -21.41 -6.86
CA LYS D 178 -31.28 -22.48 -6.71
C LYS D 178 -32.66 -22.07 -7.18
N GLN D 179 -32.76 -21.14 -8.13
CA GLN D 179 -34.04 -20.78 -8.72
C GLN D 179 -33.98 -20.77 -10.23
N LEU D 180 -32.82 -21.02 -10.82
CA LEU D 180 -32.62 -20.96 -12.25
C LEU D 180 -31.65 -22.05 -12.67
N SER D 181 -31.76 -22.45 -13.94
CA SER D 181 -30.81 -23.37 -14.55
C SER D 181 -29.41 -22.76 -14.49
N GLU D 182 -28.40 -23.60 -14.73
CA GLU D 182 -27.04 -23.08 -14.70
C GLU D 182 -26.81 -22.05 -15.79
N THR D 183 -27.30 -22.32 -17.00
CA THR D 183 -27.13 -21.38 -18.10
C THR D 183 -27.88 -20.09 -17.85
N SER D 184 -29.08 -20.21 -17.28
CA SER D 184 -29.88 -19.02 -16.98
C SER D 184 -29.29 -18.25 -15.81
N GLN D 185 -29.01 -18.94 -14.70
CA GLN D 185 -28.31 -18.34 -13.56
C GLN D 185 -27.07 -17.58 -13.99
N ALA D 186 -26.27 -18.17 -14.89
CA ALA D 186 -24.99 -17.61 -15.28
C ALA D 186 -25.13 -16.33 -16.10
N LEU D 187 -26.25 -16.17 -16.77
CA LEU D 187 -26.48 -14.95 -17.55
C LEU D 187 -26.81 -13.76 -16.66
N LEU D 188 -27.65 -13.95 -15.65
CA LEU D 188 -28.02 -12.84 -14.78
C LEU D 188 -26.81 -12.34 -14.01
N TRP D 189 -26.02 -13.26 -13.46
CA TRP D 189 -24.76 -12.90 -12.78
C TRP D 189 -23.86 -12.15 -13.73
N LYS D 190 -23.73 -12.66 -14.95
CA LYS D 190 -22.98 -11.95 -15.97
C LYS D 190 -23.52 -10.54 -16.16
N TRP D 191 -24.83 -10.41 -16.38
CA TRP D 191 -25.38 -9.09 -16.62
C TRP D 191 -25.22 -8.17 -15.43
N MET D 192 -25.40 -8.71 -14.23
CA MET D 192 -25.32 -7.85 -13.06
C MET D 192 -23.90 -7.54 -12.61
N VAL D 193 -22.90 -8.39 -12.93
CA VAL D 193 -21.55 -7.94 -12.61
C VAL D 193 -21.07 -6.93 -13.65
N GLU D 194 -21.56 -7.02 -14.89
CA GLU D 194 -20.96 -6.24 -15.96
C GLU D 194 -21.55 -4.85 -16.08
N THR D 195 -22.62 -4.54 -15.32
CA THR D 195 -23.15 -3.19 -15.35
C THR D 195 -22.10 -2.18 -14.93
N THR D 196 -22.22 -0.98 -15.48
CA THR D 196 -21.40 0.15 -15.07
C THR D 196 -22.22 1.19 -14.30
N THR D 197 -23.48 0.89 -13.98
CA THR D 197 -24.30 1.82 -13.20
C THR D 197 -23.80 1.91 -11.76
N GLY D 198 -24.12 3.04 -11.12
CA GLY D 198 -23.84 3.26 -9.71
C GLY D 198 -22.44 2.92 -9.25
N PRO D 199 -21.43 3.43 -9.97
CA PRO D 199 -20.05 3.18 -9.54
C PRO D 199 -19.73 3.75 -8.15
N GLN D 200 -20.47 4.79 -7.73
CA GLN D 200 -20.28 5.39 -6.41
C GLN D 200 -21.24 4.83 -5.37
N ARG D 201 -21.92 3.71 -5.66
CA ARG D 201 -22.85 3.16 -4.69
C ARG D 201 -22.22 1.95 -4.01
N LEU D 202 -22.75 0.74 -4.18
CA LEU D 202 -22.16 -0.39 -3.47
C LEU D 202 -20.65 -0.52 -3.75
N LYS D 203 -20.22 -0.31 -5.01
CA LYS D 203 -18.79 -0.42 -5.32
C LYS D 203 -17.98 0.80 -4.90
N GLY D 204 -18.61 1.86 -4.38
CA GLY D 204 -17.98 3.17 -4.39
C GLY D 204 -16.73 3.29 -3.52
N LEU D 205 -16.70 2.60 -2.38
CA LEU D 205 -15.53 2.66 -1.53
C LEU D 205 -14.91 1.27 -1.34
N LEU D 206 -15.17 0.33 -2.27
CA LEU D 206 -14.50 -0.95 -2.18
C LEU D 206 -13.23 -0.94 -3.02
N PRO D 207 -12.28 -1.84 -2.74
CA PRO D 207 -11.06 -1.85 -3.55
C PRO D 207 -11.39 -2.06 -5.03
N ALA D 208 -10.68 -1.31 -5.88
CA ALA D 208 -10.85 -1.45 -7.32
C ALA D 208 -10.70 -2.93 -7.72
N GLY D 209 -11.61 -3.38 -8.59
CA GLY D 209 -11.64 -4.76 -9.02
C GLY D 209 -12.50 -5.68 -8.17
N THR D 210 -13.04 -5.20 -7.05
CA THR D 210 -13.92 -6.03 -6.23
C THR D 210 -15.13 -6.42 -7.06
N ILE D 211 -15.46 -7.70 -7.04
CA ILE D 211 -16.57 -8.20 -7.85
C ILE D 211 -17.87 -7.98 -7.11
N VAL D 212 -18.78 -7.19 -7.70
CA VAL D 212 -20.10 -6.89 -7.15
C VAL D 212 -21.16 -7.05 -8.24
N ALA D 213 -22.05 -8.02 -8.05
CA ALA D 213 -23.21 -8.21 -8.91
C ALA D 213 -24.39 -7.46 -8.30
N HIS D 214 -24.89 -6.44 -8.99
CA HIS D 214 -25.82 -5.50 -8.35
C HIS D 214 -26.72 -4.83 -9.37
N LYS D 215 -27.87 -4.34 -8.87
CA LYS D 215 -28.81 -3.55 -9.66
C LYS D 215 -29.13 -2.25 -8.94
N THR D 216 -28.96 -1.12 -9.64
CA THR D 216 -29.22 0.21 -9.14
C THR D 216 -30.69 0.62 -9.36
N GLY D 217 -31.09 1.73 -8.73
CA GLY D 217 -32.39 2.34 -8.97
C GLY D 217 -32.39 3.78 -8.50
N THR D 218 -33.05 4.67 -9.23
CA THR D 218 -33.05 6.07 -8.87
C THR D 218 -34.34 6.71 -9.38
N SER D 219 -34.98 7.51 -8.54
CA SER D 219 -36.09 8.35 -8.96
C SER D 219 -35.51 9.70 -9.40
N GLY D 220 -36.39 10.57 -9.91
CA GLY D 220 -36.05 11.96 -10.15
C GLY D 220 -36.13 12.81 -8.87
N VAL D 221 -35.85 14.10 -9.04
CA VAL D 221 -35.94 15.09 -7.96
C VAL D 221 -37.27 15.85 -8.08
N ARG D 222 -37.97 16.00 -6.96
CA ARG D 222 -39.14 16.87 -6.88
C ARG D 222 -39.13 17.61 -5.57
N ALA D 223 -39.17 18.92 -5.67
CA ALA D 223 -39.17 19.79 -4.51
C ALA D 223 -37.88 19.61 -3.73
N GLY D 224 -36.78 19.46 -4.47
CA GLY D 224 -35.49 19.24 -3.84
C GLY D 224 -35.38 17.93 -3.07
N LYS D 225 -36.30 16.99 -3.29
CA LYS D 225 -36.31 15.70 -2.61
C LYS D 225 -36.26 14.55 -3.60
N THR D 226 -35.38 13.59 -3.33
CA THR D 226 -35.20 12.39 -4.15
C THR D 226 -35.89 11.21 -3.48
N ALA D 227 -36.89 10.65 -4.15
CA ALA D 227 -37.70 9.59 -3.53
C ALA D 227 -36.89 8.32 -3.30
N ALA D 228 -35.99 7.98 -4.22
CA ALA D 228 -35.28 6.71 -4.12
C ALA D 228 -33.89 6.84 -4.72
N THR D 229 -32.88 6.45 -3.94
CA THR D 229 -31.50 6.25 -4.39
C THR D 229 -31.06 4.88 -3.87
N ASN D 230 -31.04 3.88 -4.74
CA ASN D 230 -30.92 2.49 -4.30
C ASN D 230 -29.74 1.79 -4.97
N ASP D 231 -29.30 0.72 -4.30
CA ASP D 231 -28.37 -0.24 -4.88
C ASP D 231 -28.47 -1.49 -4.05
N ALA D 232 -28.59 -2.63 -4.70
CA ALA D 232 -28.73 -3.92 -4.03
C ALA D 232 -27.85 -4.93 -4.75
N GLY D 233 -27.07 -5.71 -4.00
CA GLY D 233 -26.16 -6.57 -4.74
C GLY D 233 -25.49 -7.62 -3.88
N VAL D 234 -24.64 -8.39 -4.56
CA VAL D 234 -23.83 -9.44 -3.96
C VAL D 234 -22.37 -9.03 -4.11
N ILE D 235 -21.68 -8.86 -2.98
CA ILE D 235 -20.25 -8.58 -2.96
C ILE D 235 -19.52 -9.90 -2.73
N MET D 236 -18.62 -10.25 -3.65
CA MET D 236 -17.85 -11.47 -3.49
C MET D 236 -16.60 -11.20 -2.62
N LEU D 237 -16.52 -11.88 -1.45
CA LEU D 237 -15.43 -11.64 -0.50
C LEU D 237 -14.14 -12.31 -0.97
N PRO D 238 -12.99 -11.91 -0.41
CA PRO D 238 -11.71 -12.46 -0.94
C PRO D 238 -11.60 -13.98 -0.81
N ASP D 239 -12.35 -14.61 0.09
CA ASP D 239 -12.39 -16.06 0.17
C ASP D 239 -13.42 -16.63 -0.79
N GLY D 240 -13.96 -15.79 -1.67
CA GLY D 240 -14.93 -16.23 -2.67
C GLY D 240 -16.34 -16.34 -2.17
N ARG D 241 -16.58 -16.05 -0.90
CA ARG D 241 -17.91 -16.20 -0.35
C ARG D 241 -18.74 -14.94 -0.59
N PRO D 242 -20.07 -15.07 -0.60
CA PRO D 242 -20.91 -13.91 -0.90
C PRO D 242 -21.24 -13.08 0.34
N LEU D 243 -21.29 -11.77 0.12
CA LEU D 243 -21.79 -10.79 1.09
C LEU D 243 -22.95 -10.06 0.44
N LEU D 244 -24.15 -10.21 1.00
CA LEU D 244 -25.35 -9.53 0.49
C LEU D 244 -25.49 -8.17 1.16
N VAL D 245 -25.63 -7.12 0.36
CA VAL D 245 -25.81 -5.76 0.87
C VAL D 245 -26.87 -5.06 0.03
N ALA D 246 -27.90 -4.48 0.69
CA ALA D 246 -28.85 -3.63 -0.02
C ALA D 246 -28.99 -2.32 0.73
N VAL D 247 -28.96 -1.19 0.02
CA VAL D 247 -29.23 0.09 0.67
C VAL D 247 -30.17 0.90 -0.21
N PHE D 248 -31.30 1.32 0.36
CA PHE D 248 -32.31 2.13 -0.33
C PHE D 248 -32.47 3.43 0.46
N VAL D 249 -32.14 4.56 -0.15
CA VAL D 249 -32.32 5.85 0.49
C VAL D 249 -33.64 6.43 0.01
N LYS D 250 -34.62 6.51 0.92
CA LYS D 250 -35.99 6.89 0.59
C LYS D 250 -36.27 8.32 1.03
N ASP D 251 -36.93 9.09 0.17
CA ASP D 251 -37.41 10.44 0.50
C ASP D 251 -36.33 11.27 1.19
N SER D 252 -35.28 11.51 0.42
CA SER D 252 -34.07 12.18 0.87
C SER D 252 -34.06 13.63 0.45
N ALA D 253 -33.63 14.50 1.35
CA ALA D 253 -33.31 15.87 1.01
C ALA D 253 -31.82 16.09 0.85
N GLU D 254 -31.02 15.03 0.99
CA GLU D 254 -29.58 15.21 0.84
C GLU D 254 -29.18 15.29 -0.63
N SER D 255 -27.94 15.70 -0.86
CA SER D 255 -27.46 15.74 -2.24
C SER D 255 -27.30 14.31 -2.78
N GLU D 256 -27.19 14.22 -4.10
CA GLU D 256 -26.95 12.92 -4.74
C GLU D 256 -25.61 12.35 -4.28
N ARG D 257 -24.63 13.21 -4.11
CA ARG D 257 -23.35 12.77 -3.62
C ARG D 257 -23.44 12.21 -2.19
N THR D 258 -24.29 12.81 -1.31
CA THR D 258 -24.48 12.23 0.02
C THR D 258 -25.28 10.94 -0.05
N ASN D 259 -26.33 10.92 -0.86
CA ASN D 259 -27.09 9.70 -0.99
C ASN D 259 -26.21 8.55 -1.47
N GLU D 260 -25.34 8.80 -2.44
CA GLU D 260 -24.52 7.68 -2.91
C GLU D 260 -23.46 7.32 -1.90
N ALA D 261 -22.91 8.32 -1.19
CA ALA D 261 -21.93 8.05 -0.16
C ALA D 261 -22.52 7.18 0.96
N ILE D 262 -23.81 7.33 1.26
CA ILE D 262 -24.43 6.50 2.30
C ILE D 262 -24.42 5.03 1.91
N ILE D 263 -24.72 4.74 0.63
CA ILE D 263 -24.67 3.37 0.14
C ILE D 263 -23.23 2.85 0.19
N ALA D 264 -22.29 3.62 -0.35
CA ALA D 264 -20.92 3.17 -0.40
C ALA D 264 -20.38 2.90 1.00
N GLN D 265 -20.77 3.76 1.99
CA GLN D 265 -20.21 3.65 3.33
C GLN D 265 -20.71 2.39 4.04
N VAL D 266 -21.98 2.04 3.81
CA VAL D 266 -22.53 0.83 4.41
C VAL D 266 -21.87 -0.40 3.82
N ALA D 267 -21.72 -0.40 2.50
CA ALA D 267 -21.05 -1.52 1.86
C ALA D 267 -19.62 -1.66 2.40
N GLN D 268 -18.90 -0.55 2.54
CA GLN D 268 -17.53 -0.60 3.03
C GLN D 268 -17.49 -1.16 4.44
N ALA D 269 -18.42 -0.74 5.31
CA ALA D 269 -18.40 -1.22 6.69
C ALA D 269 -18.68 -2.72 6.76
N ALA D 270 -19.64 -3.20 5.97
CA ALA D 270 -19.96 -4.62 5.94
C ALA D 270 -18.79 -5.42 5.38
N TYR D 271 -18.15 -4.90 4.34
CA TYR D 271 -17.01 -5.57 3.73
C TYR D 271 -15.86 -5.67 4.72
N GLN D 272 -15.49 -4.55 5.35
CA GLN D 272 -14.34 -4.54 6.24
C GLN D 272 -14.60 -5.36 7.50
N PHE D 273 -15.85 -5.42 7.97
CA PHE D 273 -16.22 -6.33 9.06
C PHE D 273 -15.93 -7.78 8.71
N GLU D 274 -16.30 -8.16 7.49
CA GLU D 274 -16.05 -9.54 7.06
C GLU D 274 -14.58 -9.80 6.83
N LEU D 275 -13.84 -8.81 6.32
CA LEU D 275 -12.42 -9.00 6.11
C LEU D 275 -11.62 -9.15 7.42
N LYS D 276 -12.06 -8.45 8.48
CA LYS D 276 -11.41 -8.57 9.79
C LYS D 276 -11.46 -10.00 10.30
N LYS D 277 -12.58 -10.69 10.07
CA LYS D 277 -12.73 -12.11 10.38
C LYS D 277 -11.72 -12.99 9.65
N LEU D 278 -11.12 -12.52 8.55
CA LEU D 278 -10.24 -13.34 7.73
C LEU D 278 -8.76 -13.15 8.04
N SER D 279 -8.29 -11.91 8.13
CA SER D 279 -6.86 -11.65 8.39
C SER D 279 -6.51 -11.85 9.85
#